data_1FL5
#
_entry.id   1FL5
#
_cell.length_a   36.420
_cell.length_b   69.650
_cell.length_c   85.310
_cell.angle_alpha   74.56
_cell.angle_beta   80.18
_cell.angle_gamma   77.55
#
_symmetry.space_group_name_H-M   'P 1'
#
loop_
_entity.id
_entity.type
_entity.pdbx_description
1 polymer 'ANTIBODY GERMLINE PRECURSOR TO ANTIBODY 28B4'
2 polymer 'ANTIBODY GERMLINE PRECURSOR TO ANTIBODY 28B4'
3 non-polymer 'SULFATE ION'
4 water water
#
loop_
_entity_poly.entity_id
_entity_poly.type
_entity_poly.pdbx_seq_one_letter_code
_entity_poly.pdbx_strand_id
1 'polypeptide(L)'
;ELVMTQTPLSLPVSLGDQASISCRSSQSIVHSNGNTYLEWYLQKPGQSPKLLIYKVSNRFSGVPDRFSGSGSGTDFTLKI
SRVEAEDLGVYYCFQGSHVPRTFGGGTKLEIKRTVAAPSVFIFPPSDEQLKSGTASVVCLLNNFYPREAKVQWKVDNALQ
SGNSQESVTEQDSKDSTYSLSSTLTLSKADYEKHKVYACEVTHQGLSSPVTKSFNRG
;
L,A
2 'polypeptide(L)'
;QVQLVESGGGLVQPGGSLRLSCATSGFTFTDYYMSWVRQPPGKALEWLGFIRNKANGYTTEYSASVKGRFTISRDNSQSI
LYLQMNTLRAEDSATYYCARDGSYAMDYWGQGTSVTVSSASTKGPSVFPLAPSSKSTSGGTAALGCLVKDYFPEPVTVSW
NSGALTSGVHTFPAVLQSSGLYSLSSVVTVPSSSLGTQTYICNVNHKPSNTKVDKKVEP
;
H,B
#
# COMPACT_ATOMS: atom_id res chain seq x y z
N GLU A 1 12.60 16.39 33.20
CA GLU A 1 13.64 16.19 34.26
C GLU A 1 13.89 14.72 34.56
N LEU A 2 12.81 14.00 34.87
CA LEU A 2 12.87 12.59 35.23
C LEU A 2 13.63 11.65 34.29
N VAL A 3 14.32 10.68 34.89
CA VAL A 3 15.12 9.70 34.14
C VAL A 3 14.85 8.27 34.65
N MET A 4 14.62 7.36 33.71
CA MET A 4 14.35 5.96 34.04
C MET A 4 15.53 5.11 33.60
N THR A 5 16.22 4.52 34.57
CA THR A 5 17.36 3.68 34.27
C THR A 5 16.98 2.21 34.45
N GLN A 6 16.96 1.47 33.36
CA GLN A 6 16.62 0.05 33.41
C GLN A 6 17.86 -0.76 33.08
N THR A 7 18.14 -1.79 33.90
CA THR A 7 19.29 -2.66 33.68
C THR A 7 18.93 -4.07 34.11
N PRO A 8 19.56 -5.09 33.51
CA PRO A 8 20.60 -5.00 32.48
C PRO A 8 20.00 -4.82 31.08
N LEU A 9 20.77 -4.25 30.17
CA LEU A 9 20.29 -4.04 28.81
C LEU A 9 19.95 -5.39 28.18
N SER A 10 20.75 -6.39 28.49
CA SER A 10 20.58 -7.75 27.98
C SER A 10 20.68 -8.71 29.16
N LEU A 11 19.96 -9.83 29.09
CA LEU A 11 19.96 -10.75 30.20
C LEU A 11 19.76 -12.23 29.85
N PRO A 12 20.86 -12.98 29.70
CA PRO A 12 20.76 -14.41 29.36
C PRO A 12 20.36 -15.21 30.60
N VAL A 13 19.64 -16.29 30.38
CA VAL A 13 19.21 -17.16 31.47
C VAL A 13 18.62 -18.42 30.85
N SER A 14 18.87 -19.56 31.49
CA SER A 14 18.41 -20.85 31.00
C SER A 14 16.99 -21.19 31.46
N LEU A 15 16.37 -22.18 30.81
CA LEU A 15 15.00 -22.62 31.14
C LEU A 15 14.86 -22.86 32.65
N GLY A 16 13.62 -22.71 33.15
CA GLY A 16 13.35 -22.94 34.56
C GLY A 16 13.95 -22.01 35.60
N ASP A 17 14.89 -21.16 35.20
CA ASP A 17 15.53 -20.22 36.12
C ASP A 17 14.77 -18.94 36.37
N GLN A 18 15.35 -18.10 37.21
CA GLN A 18 14.78 -16.82 37.56
C GLN A 18 15.54 -15.65 36.96
N ALA A 19 14.79 -14.72 36.39
CA ALA A 19 15.37 -13.55 35.79
C ALA A 19 14.84 -12.38 36.59
N SER A 20 15.67 -11.36 36.82
CA SER A 20 15.18 -10.22 37.56
C SER A 20 15.67 -8.99 36.81
N ILE A 21 14.79 -8.02 36.66
CA ILE A 21 15.14 -6.81 35.95
C ILE A 21 14.94 -5.60 36.85
N SER A 22 15.85 -4.65 36.79
CA SER A 22 15.76 -3.49 37.64
C SER A 22 15.42 -2.20 36.90
N CYS A 23 14.83 -1.26 37.63
CA CYS A 23 14.40 0.00 37.04
C CYS A 23 14.41 1.12 38.08
N ARG A 24 15.35 2.04 37.95
CA ARG A 24 15.43 3.13 38.90
C ARG A 24 15.07 4.47 38.27
N SER A 25 14.45 5.34 39.06
CA SER A 25 14.07 6.66 38.59
C SER A 25 14.84 7.73 39.36
N SER A 26 15.35 8.72 38.64
CA SER A 26 16.13 9.80 39.25
C SER A 26 15.33 10.51 40.32
N GLN A 27 14.02 10.32 40.29
CA GLN A 27 13.18 10.95 41.28
C GLN A 27 11.93 10.15 41.61
N SER A 28 11.63 10.11 42.90
CA SER A 28 10.46 9.41 43.44
C SER A 28 9.25 9.59 42.53
N ILE A 29 8.33 8.63 42.56
CA ILE A 29 7.15 8.70 41.72
C ILE A 29 5.87 8.23 42.41
N VAL A 30 5.83 8.33 43.74
CA VAL A 30 4.62 7.93 44.47
C VAL A 30 3.69 9.14 44.57
N HIS A 31 2.38 8.87 44.49
CA HIS A 31 1.40 9.94 44.58
C HIS A 31 0.90 10.17 46.01
N SER A 32 0.27 11.32 46.25
CA SER A 32 -0.24 11.65 47.57
C SER A 32 -1.24 10.59 47.99
N ASN A 33 -2.03 10.12 47.03
CA ASN A 33 -3.01 9.09 47.33
C ASN A 33 -2.38 7.71 47.62
N GLY A 34 -1.04 7.66 47.59
CA GLY A 34 -0.34 6.41 47.84
C GLY A 34 -0.22 5.50 46.63
N ASN A 35 -0.64 5.97 45.47
CA ASN A 35 -0.57 5.19 44.23
C ASN A 35 0.73 5.40 43.48
N THR A 36 1.39 4.30 43.12
CA THR A 36 2.64 4.36 42.37
C THR A 36 2.40 3.80 40.98
N TYR A 37 2.46 4.67 39.97
CA TYR A 37 2.22 4.24 38.61
C TYR A 37 3.46 3.80 37.83
N LEU A 38 4.02 2.66 38.23
CA LEU A 38 5.18 2.09 37.55
C LEU A 38 4.68 0.78 36.88
N GLU A 39 4.83 0.67 35.56
CA GLU A 39 4.37 -0.52 34.81
C GLU A 39 5.47 -1.41 34.16
N TRP A 40 5.11 -2.64 33.80
CA TRP A 40 6.04 -3.56 33.10
C TRP A 40 5.37 -4.13 31.85
N TYR A 41 6.04 -3.98 30.70
CA TYR A 41 5.55 -4.47 29.41
C TYR A 41 6.48 -5.48 28.78
N LEU A 42 5.91 -6.40 28.00
CA LEU A 42 6.67 -7.39 27.28
C LEU A 42 6.37 -7.25 25.79
N GLN A 43 7.42 -7.19 24.96
CA GLN A 43 7.26 -7.10 23.53
C GLN A 43 7.99 -8.25 22.87
N LYS A 44 7.23 -9.20 22.36
CA LYS A 44 7.77 -10.37 21.66
C LYS A 44 8.03 -9.96 20.22
N PRO A 45 9.10 -10.50 19.60
CA PRO A 45 9.48 -10.18 18.22
C PRO A 45 8.31 -10.15 17.23
N GLY A 46 8.17 -9.03 16.52
CA GLY A 46 7.10 -8.91 15.55
C GLY A 46 5.73 -8.59 16.13
N GLN A 47 5.62 -8.48 17.45
CA GLN A 47 4.32 -8.18 18.05
C GLN A 47 4.32 -6.81 18.72
N SER A 48 3.14 -6.38 19.14
CA SER A 48 3.01 -5.10 19.81
C SER A 48 3.34 -5.37 21.27
N PRO A 49 3.64 -4.32 22.03
CA PRO A 49 3.95 -4.52 23.44
C PRO A 49 2.68 -4.99 24.12
N LYS A 50 2.80 -5.72 25.22
CA LYS A 50 1.63 -6.20 25.93
C LYS A 50 1.88 -5.87 27.40
N LEU A 51 0.85 -5.44 28.11
CA LEU A 51 0.96 -5.09 29.51
C LEU A 51 1.12 -6.35 30.39
N LEU A 52 2.03 -6.29 31.36
CA LEU A 52 2.24 -7.41 32.25
C LEU A 52 1.83 -7.13 33.69
N ILE A 53 2.41 -6.05 34.22
CA ILE A 53 2.24 -5.58 35.59
C ILE A 53 1.80 -4.11 35.64
N TYR A 54 0.79 -3.78 36.43
CA TYR A 54 0.42 -2.37 36.56
C TYR A 54 0.49 -1.94 38.04
N LYS A 55 0.65 -0.64 38.28
CA LYS A 55 0.79 -0.13 39.64
C LYS A 55 1.75 -0.98 40.47
N VAL A 56 2.99 -1.07 39.99
CA VAL A 56 4.06 -1.81 40.64
C VAL A 56 3.96 -3.34 40.78
N SER A 57 2.84 -3.87 41.24
CA SER A 57 2.79 -5.32 41.47
C SER A 57 1.52 -6.01 41.06
N ASN A 58 0.60 -5.28 40.44
CA ASN A 58 -0.65 -5.88 40.01
C ASN A 58 -0.39 -6.58 38.68
N ARG A 59 -0.91 -7.80 38.59
CA ARG A 59 -0.75 -8.63 37.41
C ARG A 59 -1.92 -8.49 36.45
N PHE A 60 -1.63 -8.18 35.20
CA PHE A 60 -2.70 -8.01 34.23
C PHE A 60 -3.43 -9.31 33.90
N SER A 61 -4.57 -9.16 33.25
CA SER A 61 -5.45 -10.27 32.88
C SER A 61 -4.92 -11.61 32.37
N GLY A 62 -4.13 -11.66 31.31
CA GLY A 62 -3.69 -12.97 30.86
C GLY A 62 -2.25 -13.31 31.17
N VAL A 63 -1.80 -12.92 32.36
CA VAL A 63 -0.42 -13.14 32.75
C VAL A 63 -0.25 -14.23 33.79
N PRO A 64 0.55 -15.26 33.47
CA PRO A 64 0.79 -16.36 34.42
C PRO A 64 1.41 -15.74 35.66
N ASP A 65 1.18 -16.35 36.82
CA ASP A 65 1.72 -15.82 38.08
C ASP A 65 3.23 -15.93 38.25
N ARG A 66 3.91 -16.52 37.28
CA ARG A 66 5.37 -16.63 37.36
C ARG A 66 5.98 -15.21 37.40
N PHE A 67 5.26 -14.23 36.86
CA PHE A 67 5.73 -12.85 36.81
C PHE A 67 5.24 -12.07 38.04
N SER A 68 6.12 -11.26 38.63
CA SER A 68 5.72 -10.46 39.78
C SER A 68 6.62 -9.26 39.91
N GLY A 69 6.04 -8.12 40.23
CA GLY A 69 6.83 -6.91 40.37
C GLY A 69 6.82 -6.40 41.79
N SER A 70 7.89 -5.72 42.19
CA SER A 70 7.96 -5.18 43.53
C SER A 70 8.75 -3.88 43.48
N GLY A 71 8.93 -3.23 44.62
CA GLY A 71 9.69 -1.99 44.61
C GLY A 71 9.06 -0.84 45.34
N SER A 72 9.87 0.17 45.65
CA SER A 72 9.39 1.35 46.36
C SER A 72 10.13 2.61 45.95
N GLY A 73 9.42 3.73 46.01
CA GLY A 73 9.99 5.03 45.69
C GLY A 73 10.74 5.22 44.39
N THR A 74 11.99 4.76 44.36
CA THR A 74 12.82 4.92 43.16
C THR A 74 13.48 3.62 42.68
N ASP A 75 13.18 2.52 43.33
CA ASP A 75 13.74 1.21 42.97
C ASP A 75 12.63 0.16 42.81
N PHE A 76 12.45 -0.31 41.57
CA PHE A 76 11.42 -1.30 41.28
C PHE A 76 12.03 -2.53 40.61
N THR A 77 11.38 -3.68 40.75
CA THR A 77 11.89 -4.93 40.20
C THR A 77 10.84 -5.86 39.60
N LEU A 78 11.23 -6.54 38.55
CA LEU A 78 10.37 -7.50 37.88
C LEU A 78 11.07 -8.84 37.98
N LYS A 79 10.40 -9.84 38.52
CA LYS A 79 10.99 -11.16 38.65
C LYS A 79 10.18 -12.21 37.93
N ILE A 80 10.85 -12.96 37.07
CA ILE A 80 10.20 -14.04 36.34
C ILE A 80 10.81 -15.30 36.90
N SER A 81 9.99 -16.31 37.15
CA SER A 81 10.50 -17.56 37.70
C SER A 81 10.02 -18.74 36.85
N ARG A 82 10.92 -19.70 36.61
CA ARG A 82 10.61 -20.86 35.78
C ARG A 82 10.38 -20.43 34.34
N VAL A 83 11.36 -19.72 33.79
CA VAL A 83 11.31 -19.23 32.42
C VAL A 83 11.01 -20.34 31.40
N GLU A 84 10.60 -19.92 30.21
CA GLU A 84 10.29 -20.83 29.13
C GLU A 84 10.18 -20.07 27.82
N ALA A 85 10.44 -20.77 26.72
CA ALA A 85 10.40 -20.20 25.38
C ALA A 85 9.55 -18.93 25.23
N GLU A 86 8.24 -19.07 25.43
CA GLU A 86 7.31 -17.95 25.32
C GLU A 86 7.85 -16.63 25.88
N ASP A 87 8.36 -16.68 27.10
CA ASP A 87 8.90 -15.51 27.80
C ASP A 87 9.96 -14.71 27.05
N LEU A 88 10.47 -15.24 25.94
CA LEU A 88 11.50 -14.57 25.15
C LEU A 88 11.00 -13.25 24.57
N GLY A 89 11.81 -12.21 24.71
CA GLY A 89 11.45 -10.91 24.18
C GLY A 89 12.17 -9.77 24.88
N VAL A 90 11.62 -8.57 24.74
CA VAL A 90 12.19 -7.39 25.37
C VAL A 90 11.18 -6.85 26.41
N TYR A 91 11.64 -6.68 27.65
CA TYR A 91 10.82 -6.15 28.73
C TYR A 91 11.10 -4.67 28.96
N TYR A 92 10.07 -3.88 29.25
CA TYR A 92 10.27 -2.45 29.50
C TYR A 92 9.54 -2.00 30.76
N CYS A 93 10.14 -1.11 31.54
CA CYS A 93 9.44 -0.58 32.70
C CYS A 93 8.98 0.77 32.17
N PHE A 94 7.96 1.35 32.79
CA PHE A 94 7.43 2.62 32.31
C PHE A 94 6.83 3.41 33.46
N GLN A 95 7.19 4.67 33.54
CA GLN A 95 6.70 5.55 34.58
C GLN A 95 5.56 6.41 34.01
N GLY A 96 4.40 6.35 34.63
CA GLY A 96 3.26 7.11 34.16
C GLY A 96 2.78 8.15 35.16
N SER A 97 3.53 8.33 36.25
CA SER A 97 3.17 9.31 37.28
C SER A 97 3.41 10.74 36.81
N HIS A 98 4.63 11.00 36.33
CA HIS A 98 5.04 12.31 35.84
C HIS A 98 4.85 12.48 34.34
N VAL A 99 4.70 13.74 33.92
CA VAL A 99 4.54 14.09 32.51
C VAL A 99 5.71 15.03 32.17
N PRO A 100 6.41 14.75 31.05
CA PRO A 100 6.17 13.63 30.13
C PRO A 100 6.44 12.23 30.70
N ARG A 101 5.58 11.29 30.34
CA ARG A 101 5.74 9.92 30.77
C ARG A 101 7.01 9.37 30.11
N THR A 102 7.54 8.27 30.61
CA THR A 102 8.76 7.77 30.04
C THR A 102 9.01 6.27 30.18
N PHE A 103 9.65 5.70 29.17
CA PHE A 103 10.01 4.27 29.11
C PHE A 103 11.44 4.04 29.56
N GLY A 104 11.68 2.90 30.20
CA GLY A 104 13.03 2.56 30.60
C GLY A 104 13.73 2.18 29.31
N GLY A 105 15.04 1.98 29.34
CA GLY A 105 15.78 1.63 28.12
C GLY A 105 15.56 0.25 27.52
N GLY A 106 14.88 -0.64 28.24
CA GLY A 106 14.61 -1.99 27.74
C GLY A 106 15.57 -3.07 28.22
N THR A 107 15.11 -4.32 28.21
CA THR A 107 15.93 -5.45 28.64
C THR A 107 15.63 -6.64 27.75
N LYS A 108 16.58 -7.04 26.90
CA LYS A 108 16.33 -8.19 26.04
C LYS A 108 16.64 -9.48 26.77
N LEU A 109 15.61 -10.27 27.03
CA LEU A 109 15.79 -11.54 27.72
C LEU A 109 15.92 -12.64 26.70
N GLU A 110 17.02 -13.36 26.76
CA GLU A 110 17.28 -14.46 25.84
C GLU A 110 17.43 -15.77 26.60
N ILE A 111 17.04 -16.87 25.96
CA ILE A 111 17.13 -18.19 26.57
C ILE A 111 18.52 -18.83 26.37
N LYS A 112 19.25 -19.06 27.45
CA LYS A 112 20.57 -19.67 27.35
C LYS A 112 20.41 -21.20 27.43
N ARG A 113 21.12 -21.88 26.53
CA ARG A 113 21.06 -23.35 26.45
C ARG A 113 22.44 -23.98 26.28
N THR A 114 22.42 -25.26 25.90
CA THR A 114 23.62 -26.03 25.69
C THR A 114 24.25 -25.81 24.32
N VAL A 115 25.54 -25.48 24.33
CA VAL A 115 26.30 -25.24 23.11
C VAL A 115 25.97 -26.19 21.96
N ALA A 116 25.68 -25.63 20.78
CA ALA A 116 25.36 -26.43 19.60
C ALA A 116 26.17 -25.94 18.40
N ALA A 117 26.71 -26.89 17.63
CA ALA A 117 27.52 -26.58 16.46
C ALA A 117 26.61 -26.27 15.29
N PRO A 118 26.99 -25.28 14.46
CA PRO A 118 26.18 -24.92 13.30
C PRO A 118 26.46 -25.82 12.13
N SER A 119 25.44 -26.09 11.36
CA SER A 119 25.59 -26.88 10.15
C SER A 119 25.88 -25.80 9.10
N VAL A 120 27.02 -25.91 8.39
CA VAL A 120 27.42 -24.89 7.41
C VAL A 120 27.17 -25.19 5.93
N PHE A 121 26.75 -24.17 5.17
CA PHE A 121 26.51 -24.30 3.74
C PHE A 121 27.00 -23.07 2.97
N ILE A 122 27.36 -23.27 1.70
CA ILE A 122 27.81 -22.16 0.89
C ILE A 122 27.04 -22.19 -0.42
N PHE A 123 26.74 -21.00 -0.95
CA PHE A 123 26.01 -20.91 -2.20
C PHE A 123 26.69 -19.95 -3.15
N PRO A 124 26.94 -20.42 -4.38
CA PRO A 124 27.58 -19.56 -5.37
C PRO A 124 26.57 -18.58 -5.92
N PRO A 125 27.01 -17.56 -6.66
CA PRO A 125 26.03 -16.62 -7.20
C PRO A 125 25.33 -17.30 -8.36
N SER A 126 24.10 -16.89 -8.64
CA SER A 126 23.35 -17.48 -9.73
C SER A 126 23.80 -16.82 -11.00
N ASP A 127 23.79 -17.55 -12.11
CA ASP A 127 24.21 -16.99 -13.38
C ASP A 127 23.36 -15.77 -13.67
N GLU A 128 22.12 -15.83 -13.22
CA GLU A 128 21.18 -14.76 -13.41
C GLU A 128 21.68 -13.40 -12.85
N GLN A 129 22.23 -13.41 -11.64
CA GLN A 129 22.72 -12.17 -11.01
C GLN A 129 23.99 -11.66 -11.65
N LEU A 130 24.81 -12.57 -12.14
CA LEU A 130 26.07 -12.17 -12.76
C LEU A 130 25.83 -11.22 -13.93
N LYS A 131 24.76 -11.43 -14.69
CA LYS A 131 24.46 -10.56 -15.82
C LYS A 131 24.44 -9.11 -15.41
N SER A 132 24.04 -8.84 -14.15
CA SER A 132 23.96 -7.48 -13.63
C SER A 132 25.32 -6.92 -13.21
N GLY A 133 26.37 -7.72 -13.37
CA GLY A 133 27.70 -7.25 -13.01
C GLY A 133 28.04 -7.36 -11.53
N THR A 134 27.20 -8.06 -10.78
CA THR A 134 27.42 -8.24 -9.35
C THR A 134 27.35 -9.74 -8.99
N ALA A 135 28.17 -10.15 -8.02
CA ALA A 135 28.22 -11.54 -7.56
C ALA A 135 28.10 -11.60 -6.04
N SER A 136 27.05 -12.25 -5.56
CA SER A 136 26.83 -12.37 -4.14
C SER A 136 27.07 -13.84 -3.84
N VAL A 137 27.92 -14.10 -2.85
CA VAL A 137 28.21 -15.46 -2.45
C VAL A 137 27.64 -15.56 -1.05
N VAL A 138 26.89 -16.60 -0.77
CA VAL A 138 26.26 -16.68 0.54
C VAL A 138 26.68 -17.88 1.36
N CYS A 139 26.89 -17.64 2.66
CA CYS A 139 27.29 -18.70 3.57
C CYS A 139 26.24 -18.75 4.64
N LEU A 140 25.67 -19.93 4.86
CA LEU A 140 24.63 -20.09 5.87
C LEU A 140 25.11 -20.93 7.06
N LEU A 141 24.89 -20.42 8.27
CA LEU A 141 25.26 -21.14 9.49
C LEU A 141 23.94 -21.49 10.13
N ASN A 142 23.59 -22.76 10.10
CA ASN A 142 22.29 -23.21 10.60
C ASN A 142 22.19 -23.85 12.00
N ASN A 143 21.18 -23.43 12.74
CA ASN A 143 20.86 -23.96 14.07
C ASN A 143 22.00 -24.11 15.05
N PHE A 144 22.49 -23.00 15.58
CA PHE A 144 23.61 -23.03 16.52
C PHE A 144 23.43 -22.19 17.78
N TYR A 145 24.25 -22.48 18.79
CA TYR A 145 24.25 -21.76 20.06
C TYR A 145 25.59 -21.97 20.75
N PRO A 146 26.16 -20.91 21.36
CA PRO A 146 25.69 -19.53 21.50
C PRO A 146 25.66 -18.75 20.19
N ARG A 147 25.13 -17.53 20.26
CA ARG A 147 25.01 -16.65 19.10
C ARG A 147 26.37 -16.35 18.49
N GLU A 148 27.37 -16.15 19.36
CA GLU A 148 28.71 -15.84 18.92
C GLU A 148 29.21 -16.80 17.86
N ALA A 149 29.78 -16.24 16.81
CA ALA A 149 30.30 -17.04 15.71
C ALA A 149 31.07 -16.10 14.82
N LYS A 150 32.16 -16.59 14.24
CA LYS A 150 32.95 -15.77 13.35
C LYS A 150 32.97 -16.44 11.98
N VAL A 151 32.80 -15.63 10.93
CA VAL A 151 32.81 -16.14 9.57
C VAL A 151 33.79 -15.37 8.72
N GLN A 152 34.77 -16.07 8.15
CA GLN A 152 35.75 -15.43 7.32
C GLN A 152 35.61 -15.95 5.90
N TRP A 153 35.76 -15.06 4.94
CA TRP A 153 35.67 -15.45 3.57
C TRP A 153 37.07 -15.45 3.03
N LYS A 154 37.36 -16.42 2.19
CA LYS A 154 38.68 -16.57 1.58
C LYS A 154 38.47 -16.83 0.10
N VAL A 155 39.15 -16.03 -0.72
CA VAL A 155 39.06 -16.14 -2.17
C VAL A 155 40.47 -16.46 -2.66
N ASP A 156 40.66 -17.71 -3.10
CA ASP A 156 41.96 -18.19 -3.57
C ASP A 156 42.90 -18.10 -2.38
N ASN A 157 42.36 -18.47 -1.21
CA ASN A 157 43.09 -18.49 0.06
C ASN A 157 43.30 -17.14 0.72
N ALA A 158 43.12 -16.06 -0.04
CA ALA A 158 43.31 -14.69 0.46
C ALA A 158 42.11 -14.20 1.27
N LEU A 159 42.36 -13.81 2.53
CA LEU A 159 41.31 -13.33 3.42
C LEU A 159 40.62 -12.09 2.85
N GLN A 160 39.31 -11.98 3.07
CA GLN A 160 38.53 -10.87 2.55
C GLN A 160 38.13 -9.95 3.69
N SER A 161 38.02 -8.66 3.41
CA SER A 161 37.64 -7.71 4.43
C SER A 161 36.83 -6.55 3.88
N GLY A 162 35.82 -6.15 4.64
CA GLY A 162 34.99 -5.03 4.24
C GLY A 162 33.92 -5.24 3.18
N ASN A 163 33.80 -6.43 2.61
CA ASN A 163 32.78 -6.70 1.60
C ASN A 163 31.81 -7.83 1.94
N SER A 164 31.57 -8.04 3.23
CA SER A 164 30.62 -9.04 3.64
C SER A 164 29.70 -8.43 4.69
N GLN A 165 28.48 -8.93 4.80
CA GLN A 165 27.53 -8.44 5.79
C GLN A 165 26.87 -9.68 6.37
N GLU A 166 26.51 -9.62 7.63
CA GLU A 166 25.89 -10.76 8.28
C GLU A 166 24.52 -10.38 8.74
N SER A 167 23.68 -11.39 8.86
CA SER A 167 22.34 -11.17 9.35
C SER A 167 22.01 -12.40 10.19
N VAL A 168 21.41 -12.18 11.36
CA VAL A 168 21.09 -13.27 12.29
C VAL A 168 19.61 -13.36 12.57
N THR A 169 19.07 -14.56 12.59
CA THR A 169 17.66 -14.76 12.91
C THR A 169 17.44 -14.58 14.40
N GLU A 170 16.18 -14.54 14.80
CA GLU A 170 15.85 -14.42 16.19
C GLU A 170 15.91 -15.85 16.74
N GLN A 171 16.19 -15.98 18.03
CA GLN A 171 16.28 -17.29 18.71
C GLN A 171 15.06 -18.16 18.34
N ASP A 172 15.27 -19.31 17.72
CA ASP A 172 14.17 -20.19 17.30
C ASP A 172 13.21 -20.47 18.46
N SER A 173 11.91 -20.43 18.20
CA SER A 173 10.94 -20.66 19.26
C SER A 173 11.02 -22.04 19.89
N LYS A 174 11.30 -23.05 19.04
CA LYS A 174 11.42 -24.43 19.53
C LYS A 174 12.73 -24.69 20.26
N ASP A 175 13.79 -24.90 19.51
CA ASP A 175 15.11 -25.22 20.06
C ASP A 175 15.99 -24.10 20.64
N SER A 176 15.54 -22.85 20.58
CA SER A 176 16.32 -21.73 21.13
C SER A 176 17.65 -21.42 20.41
N THR A 177 17.84 -21.96 19.22
CA THR A 177 19.09 -21.71 18.49
C THR A 177 18.96 -20.57 17.48
N TYR A 178 20.11 -20.18 16.94
CA TYR A 178 20.17 -19.11 15.95
C TYR A 178 20.58 -19.66 14.58
N SER A 179 20.44 -18.82 13.56
CA SER A 179 20.87 -19.18 12.24
C SER A 179 21.51 -17.91 11.75
N LEU A 180 22.46 -18.03 10.84
CA LEU A 180 23.14 -16.84 10.36
C LEU A 180 23.48 -16.98 8.89
N SER A 181 23.47 -15.84 8.20
CA SER A 181 23.79 -15.80 6.80
C SER A 181 24.85 -14.72 6.66
N SER A 182 25.86 -15.00 5.85
CA SER A 182 26.90 -14.01 5.62
C SER A 182 26.95 -13.90 4.12
N THR A 183 26.90 -12.67 3.62
CA THR A 183 26.93 -12.44 2.17
C THR A 183 28.16 -11.63 1.77
N LEU A 184 28.96 -12.23 0.89
CA LEU A 184 30.15 -11.59 0.38
C LEU A 184 29.74 -11.03 -1.00
N THR A 185 29.87 -9.72 -1.21
CA THR A 185 29.51 -9.09 -2.48
C THR A 185 30.75 -8.63 -3.25
N LEU A 186 30.92 -9.15 -4.45
CA LEU A 186 32.05 -8.79 -5.28
C LEU A 186 31.50 -8.33 -6.63
N SER A 187 32.37 -7.73 -7.46
CA SER A 187 31.96 -7.29 -8.80
C SER A 187 32.04 -8.55 -9.66
N LYS A 188 31.36 -8.56 -10.79
CA LYS A 188 31.39 -9.74 -11.66
C LYS A 188 32.81 -10.03 -12.14
N ALA A 189 33.53 -8.97 -12.54
CA ALA A 189 34.90 -9.09 -13.02
C ALA A 189 35.78 -9.74 -11.95
N ASP A 190 35.64 -9.28 -10.70
CA ASP A 190 36.42 -9.82 -9.61
C ASP A 190 36.10 -11.31 -9.35
N TYR A 191 34.83 -11.68 -9.43
CA TYR A 191 34.42 -13.07 -9.21
C TYR A 191 34.96 -13.98 -10.32
N GLU A 192 34.89 -13.50 -11.56
CA GLU A 192 35.38 -14.29 -12.68
C GLU A 192 36.90 -14.45 -12.63
N LYS A 193 37.58 -13.50 -12.01
CA LYS A 193 39.04 -13.50 -11.89
C LYS A 193 39.57 -14.58 -10.93
N HIS A 194 38.76 -14.98 -9.96
CA HIS A 194 39.23 -15.98 -9.00
C HIS A 194 38.53 -17.32 -9.15
N LYS A 195 39.03 -18.31 -8.43
CA LYS A 195 38.51 -19.67 -8.56
C LYS A 195 37.91 -20.31 -7.32
N VAL A 196 38.66 -20.30 -6.24
CA VAL A 196 38.21 -20.91 -4.99
C VAL A 196 37.58 -19.88 -4.09
N TYR A 197 36.37 -20.19 -3.65
CA TYR A 197 35.59 -19.34 -2.76
C TYR A 197 35.27 -20.18 -1.56
N ALA A 198 35.71 -19.73 -0.40
CA ALA A 198 35.48 -20.52 0.78
C ALA A 198 34.95 -19.75 1.94
N CYS A 199 34.10 -20.43 2.70
CA CYS A 199 33.49 -19.90 3.89
C CYS A 199 34.10 -20.65 5.08
N GLU A 200 34.80 -19.95 5.97
CA GLU A 200 35.40 -20.60 7.14
C GLU A 200 34.72 -20.18 8.44
N VAL A 201 34.19 -21.15 9.16
CA VAL A 201 33.46 -20.90 10.39
C VAL A 201 34.16 -21.33 11.67
N THR A 202 34.17 -20.41 12.64
CA THR A 202 34.76 -20.64 13.94
C THR A 202 33.62 -20.50 14.96
N HIS A 203 33.39 -21.54 15.76
CA HIS A 203 32.30 -21.53 16.75
C HIS A 203 32.62 -22.44 17.95
N GLN A 204 32.27 -22.01 19.16
CA GLN A 204 32.55 -22.83 20.33
C GLN A 204 31.70 -24.11 20.37
N GLY A 205 31.52 -24.72 19.20
CA GLY A 205 30.75 -25.94 19.09
C GLY A 205 31.46 -26.81 18.06
N LEU A 206 32.60 -26.31 17.62
CA LEU A 206 33.45 -26.98 16.63
C LEU A 206 34.85 -27.01 17.20
N SER A 207 35.46 -28.18 17.22
CA SER A 207 36.82 -28.33 17.72
C SER A 207 37.71 -27.40 16.91
N SER A 208 37.75 -27.68 15.62
CA SER A 208 38.54 -26.91 14.67
C SER A 208 37.55 -26.28 13.67
N PRO A 209 37.81 -25.02 13.28
CA PRO A 209 36.96 -24.26 12.34
C PRO A 209 36.53 -25.05 11.11
N VAL A 210 35.25 -25.01 10.78
CA VAL A 210 34.76 -25.72 9.61
C VAL A 210 34.85 -24.82 8.37
N THR A 211 35.10 -25.40 7.21
CA THR A 211 35.24 -24.64 5.98
C THR A 211 34.44 -25.25 4.83
N LYS A 212 33.63 -24.43 4.17
CA LYS A 212 32.85 -24.90 3.03
C LYS A 212 33.29 -24.11 1.82
N SER A 213 33.43 -24.77 0.68
CA SER A 213 33.88 -24.04 -0.48
C SER A 213 33.39 -24.63 -1.78
N PHE A 214 33.69 -23.93 -2.85
CA PHE A 214 33.35 -24.36 -4.19
C PHE A 214 34.32 -23.70 -5.13
N ASN A 215 34.45 -24.23 -6.34
CA ASN A 215 35.35 -23.66 -7.34
C ASN A 215 34.44 -23.04 -8.39
N ARG A 216 34.67 -21.76 -8.71
CA ARG A 216 33.83 -21.13 -9.72
C ARG A 216 33.71 -22.04 -10.93
N GLY A 217 34.79 -22.76 -11.22
CA GLY A 217 34.75 -23.66 -12.37
C GLY A 217 33.36 -24.09 -12.80
N GLN B 1 -13.08 -7.68 24.25
CA GLN B 1 -13.57 -7.19 22.93
C GLN B 1 -12.98 -5.84 22.59
N VAL B 2 -12.09 -5.34 23.44
CA VAL B 2 -11.42 -4.06 23.22
C VAL B 2 -10.47 -4.16 22.02
N GLN B 3 -10.74 -3.41 20.94
CA GLN B 3 -9.84 -3.45 19.79
C GLN B 3 -9.42 -2.07 19.30
N LEU B 4 -8.19 -1.98 18.78
CA LEU B 4 -7.58 -0.75 18.24
C LEU B 4 -6.89 -1.13 16.93
N VAL B 5 -7.27 -0.48 15.84
CA VAL B 5 -6.69 -0.81 14.56
C VAL B 5 -6.12 0.47 13.97
N GLU B 6 -4.84 0.43 13.65
CA GLU B 6 -4.20 1.60 13.10
C GLU B 6 -4.07 1.46 11.60
N SER B 7 -3.86 2.60 10.97
CA SER B 7 -3.68 2.67 9.53
C SER B 7 -3.02 4.03 9.34
N GLY B 8 -2.72 4.38 8.10
CA GLY B 8 -2.10 5.67 7.79
C GLY B 8 -0.60 5.72 7.59
N GLY B 9 0.12 4.66 7.93
CA GLY B 9 1.56 4.70 7.77
C GLY B 9 2.08 4.38 6.38
N GLY B 10 3.29 4.82 6.06
CA GLY B 10 3.85 4.53 4.75
C GLY B 10 5.13 5.31 4.52
N LEU B 11 5.48 5.43 3.24
CA LEU B 11 6.67 6.15 2.83
C LEU B 11 6.27 7.59 2.55
N VAL B 12 7.06 8.54 3.04
CA VAL B 12 6.79 9.95 2.85
C VAL B 12 8.13 10.70 2.73
N GLN B 13 8.21 11.63 1.77
CA GLN B 13 9.41 12.43 1.54
C GLN B 13 9.71 13.21 2.80
N PRO B 14 10.99 13.54 3.05
CA PRO B 14 11.30 14.32 4.27
C PRO B 14 10.64 15.69 4.24
N GLY B 15 10.38 16.25 5.42
CA GLY B 15 9.73 17.54 5.49
C GLY B 15 8.27 17.43 5.11
N GLY B 16 7.82 16.21 4.83
CA GLY B 16 6.43 16.00 4.47
C GLY B 16 5.51 15.79 5.66
N SER B 17 4.24 15.46 5.36
CA SER B 17 3.24 15.25 6.41
C SER B 17 2.49 13.94 6.26
N LEU B 18 1.93 13.46 7.37
CA LEU B 18 1.17 12.21 7.37
C LEU B 18 0.26 12.19 8.60
N ARG B 19 -0.92 11.58 8.48
CA ARG B 19 -1.82 11.50 9.61
C ARG B 19 -2.11 10.04 9.92
N LEU B 20 -1.77 9.61 11.12
CA LEU B 20 -2.02 8.23 11.52
C LEU B 20 -3.36 8.19 12.21
N SER B 21 -4.07 7.07 12.08
CA SER B 21 -5.36 6.94 12.69
C SER B 21 -5.43 5.62 13.47
N CYS B 22 -6.29 5.58 14.47
CA CYS B 22 -6.45 4.36 15.29
C CYS B 22 -7.93 4.29 15.66
N ALA B 23 -8.65 3.43 14.94
CA ALA B 23 -10.08 3.23 15.11
C ALA B 23 -10.30 2.24 16.23
N THR B 24 -11.05 2.64 17.25
CA THR B 24 -11.27 1.76 18.40
C THR B 24 -12.69 1.25 18.56
N SER B 25 -12.85 0.21 19.37
CA SER B 25 -14.16 -0.34 19.60
C SER B 25 -14.11 -1.20 20.83
N GLY B 26 -15.26 -1.51 21.40
CA GLY B 26 -15.28 -2.37 22.57
C GLY B 26 -15.17 -1.71 23.93
N PHE B 27 -15.23 -0.38 24.00
CA PHE B 27 -15.16 0.31 25.28
C PHE B 27 -15.63 1.77 25.11
N THR B 28 -15.91 2.43 26.23
CA THR B 28 -16.37 3.82 26.18
C THR B 28 -15.16 4.70 25.90
N PHE B 29 -15.02 5.06 24.63
CA PHE B 29 -13.88 5.86 24.17
C PHE B 29 -13.58 7.14 24.97
N THR B 30 -14.58 8.00 25.13
CA THR B 30 -14.42 9.28 25.84
C THR B 30 -13.95 9.15 27.31
N ASP B 31 -14.12 7.98 27.90
CA ASP B 31 -13.69 7.73 29.29
C ASP B 31 -12.18 7.62 29.48
N TYR B 32 -11.45 7.34 28.41
CA TYR B 32 -10.02 7.12 28.53
C TYR B 32 -9.00 8.07 27.89
N TYR B 33 -7.84 8.18 28.52
CA TYR B 33 -6.69 8.92 27.96
C TYR B 33 -6.22 7.94 26.88
N MET B 34 -5.66 8.43 25.77
CA MET B 34 -5.16 7.55 24.68
C MET B 34 -3.72 7.99 24.35
N SER B 35 -2.82 7.04 24.10
CA SER B 35 -1.41 7.41 23.83
C SER B 35 -0.83 6.89 22.52
N TRP B 36 0.29 7.52 22.12
CA TRP B 36 1.03 7.13 20.94
C TRP B 36 2.43 6.89 21.40
N VAL B 37 2.97 5.76 20.95
CA VAL B 37 4.30 5.28 21.29
C VAL B 37 4.98 4.86 19.97
N ARG B 38 6.29 5.00 19.84
CA ARG B 38 6.91 4.55 18.60
C ARG B 38 8.14 3.75 18.90
N GLN B 39 8.55 2.99 17.90
CA GLN B 39 9.69 2.14 18.00
C GLN B 39 10.49 2.11 16.70
N PRO B 40 11.67 2.73 16.70
CA PRO B 40 12.47 2.71 15.48
C PRO B 40 12.99 1.27 15.35
N PRO B 41 13.23 0.79 14.12
CA PRO B 41 13.73 -0.57 13.91
C PRO B 41 14.95 -0.84 14.79
N GLY B 42 14.90 -1.93 15.55
CA GLY B 42 16.01 -2.29 16.43
C GLY B 42 16.25 -1.47 17.69
N LYS B 43 15.35 -0.53 18.00
CA LYS B 43 15.52 0.29 19.19
C LYS B 43 14.39 0.20 20.22
N ALA B 44 14.58 0.90 21.33
CA ALA B 44 13.63 0.91 22.43
C ALA B 44 12.37 1.73 22.15
N LEU B 45 11.30 1.35 22.84
CA LEU B 45 10.01 2.00 22.72
C LEU B 45 10.12 3.45 23.19
N GLU B 46 9.43 4.38 22.53
CA GLU B 46 9.51 5.78 22.94
C GLU B 46 8.14 6.42 23.08
N TRP B 47 7.83 6.96 24.26
CA TRP B 47 6.52 7.56 24.44
C TRP B 47 6.47 8.89 23.66
N LEU B 48 5.38 9.15 22.95
CA LEU B 48 5.27 10.37 22.15
C LEU B 48 4.31 11.38 22.76
N GLY B 49 3.29 10.86 23.46
CA GLY B 49 2.32 11.73 24.10
C GLY B 49 0.96 11.09 24.31
N PHE B 50 0.07 11.82 25.01
CA PHE B 50 -1.29 11.35 25.21
C PHE B 50 -2.28 12.47 25.06
N ILE B 51 -3.55 12.10 24.99
CA ILE B 51 -4.62 13.06 24.90
C ILE B 51 -5.55 12.59 26.00
N ARG B 52 -5.99 13.52 26.84
CA ARG B 52 -6.82 13.17 27.97
C ARG B 52 -8.25 12.77 27.67
N ASN B 53 -9.00 12.46 28.72
CA ASN B 53 -10.37 12.03 28.56
C ASN B 53 -11.34 13.19 28.74
N LYS B 54 -12.62 12.88 28.70
CA LYS B 54 -13.71 13.85 28.79
C LYS B 54 -13.67 14.68 30.05
N ALA B 55 -13.34 14.02 31.16
CA ALA B 55 -13.26 14.73 32.44
C ALA B 55 -12.12 15.76 32.45
N ASN B 56 -11.25 15.73 31.43
CA ASN B 56 -10.13 16.67 31.35
C ASN B 56 -10.08 17.50 30.06
N GLY B 57 -11.21 17.58 29.38
CA GLY B 57 -11.32 18.39 28.17
C GLY B 57 -10.46 17.93 26.99
N TYR B 58 -10.02 16.68 27.03
CA TYR B 58 -9.22 16.13 25.95
C TYR B 58 -7.94 16.91 25.65
N THR B 59 -7.33 17.50 26.67
CA THR B 59 -6.08 18.25 26.49
C THR B 59 -4.95 17.25 26.17
N THR B 60 -3.87 17.76 25.58
CA THR B 60 -2.75 16.94 25.15
C THR B 60 -1.43 17.20 25.87
N GLU B 61 -0.53 16.23 25.76
CA GLU B 61 0.83 16.31 26.34
C GLU B 61 1.75 15.62 25.36
N TYR B 62 3.01 16.08 25.30
CA TYR B 62 3.99 15.56 24.37
C TYR B 62 5.37 15.33 24.97
N SER B 63 6.13 14.48 24.31
CA SER B 63 7.49 14.21 24.71
C SER B 63 8.25 15.41 24.11
N ALA B 64 9.48 15.66 24.56
CA ALA B 64 10.27 16.76 24.03
C ALA B 64 10.68 16.50 22.59
N SER B 65 10.79 15.25 22.20
CA SER B 65 11.20 14.94 20.83
C SER B 65 10.17 15.17 19.73
N VAL B 66 8.93 15.48 20.07
CA VAL B 66 7.93 15.69 19.02
C VAL B 66 7.03 16.89 19.25
N LYS B 67 7.20 17.51 20.41
CA LYS B 67 6.41 18.69 20.77
C LYS B 67 6.65 19.75 19.70
N GLY B 68 5.58 20.34 19.19
CA GLY B 68 5.72 21.35 18.16
C GLY B 68 5.55 20.82 16.73
N ARG B 69 5.88 19.54 16.52
CA ARG B 69 5.77 18.93 15.20
C ARG B 69 4.58 17.96 15.02
N PHE B 70 4.35 17.13 16.03
CA PHE B 70 3.27 16.15 16.04
C PHE B 70 2.08 16.69 16.86
N THR B 71 0.89 16.43 16.35
CA THR B 71 -0.33 16.87 17.01
C THR B 71 -1.24 15.68 17.23
N ILE B 72 -1.67 15.46 18.48
CA ILE B 72 -2.58 14.35 18.74
C ILE B 72 -4.00 14.87 18.84
N SER B 73 -4.96 14.15 18.27
CA SER B 73 -6.36 14.57 18.35
C SER B 73 -7.29 13.36 18.32
N ARG B 74 -8.56 13.57 18.65
CA ARG B 74 -9.52 12.48 18.64
C ARG B 74 -10.88 12.91 18.14
N ASP B 75 -11.54 12.02 17.40
CA ASP B 75 -12.87 12.23 16.88
C ASP B 75 -13.77 11.36 17.76
N ASN B 76 -14.27 11.95 18.82
CA ASN B 76 -15.08 11.23 19.75
C ASN B 76 -16.37 10.60 19.24
N SER B 77 -17.03 11.23 18.28
CA SER B 77 -18.26 10.65 17.77
C SER B 77 -18.00 9.32 17.07
N GLN B 78 -16.85 9.18 16.42
CA GLN B 78 -16.50 7.94 15.72
C GLN B 78 -15.47 7.10 16.48
N SER B 79 -15.10 7.59 17.66
CA SER B 79 -14.11 6.98 18.53
C SER B 79 -12.83 6.61 17.79
N ILE B 80 -12.25 7.61 17.12
CA ILE B 80 -11.01 7.44 16.39
C ILE B 80 -9.94 8.34 17.00
N LEU B 81 -8.73 7.82 17.14
CA LEU B 81 -7.61 8.59 17.69
C LEU B 81 -6.68 8.94 16.51
N TYR B 82 -6.13 10.16 16.51
CA TYR B 82 -5.23 10.57 15.40
C TYR B 82 -3.86 11.05 15.89
N LEU B 83 -2.88 11.00 14.97
CA LEU B 83 -1.55 11.52 15.24
C LEU B 83 -1.15 12.24 13.93
N GLN B 84 -1.14 13.56 13.96
CA GLN B 84 -0.76 14.31 12.79
C GLN B 84 0.71 14.59 12.90
N MET B 85 1.48 14.10 11.93
CA MET B 85 2.93 14.28 11.95
C MET B 85 3.37 15.26 10.86
N ASN B 86 4.03 16.35 11.27
CA ASN B 86 4.51 17.38 10.32
C ASN B 86 6.03 17.54 10.37
N THR B 87 6.59 18.15 9.32
CA THR B 87 8.03 18.38 9.24
C THR B 87 8.72 17.07 9.57
N LEU B 88 8.37 16.01 8.85
CA LEU B 88 8.94 14.69 9.13
C LEU B 88 10.43 14.59 8.80
N ARG B 89 11.16 13.99 9.75
CA ARG B 89 12.60 13.76 9.62
C ARG B 89 12.85 12.26 9.42
N ALA B 90 14.11 11.91 9.19
CA ALA B 90 14.49 10.50 9.01
C ALA B 90 14.40 9.76 10.35
N GLU B 91 14.76 10.42 11.44
CA GLU B 91 14.68 9.75 12.72
C GLU B 91 13.25 9.49 13.17
N ASP B 92 12.28 9.91 12.37
CA ASP B 92 10.88 9.66 12.68
C ASP B 92 10.44 8.33 12.10
N SER B 93 11.34 7.66 11.38
CA SER B 93 11.01 6.37 10.79
C SER B 93 10.89 5.37 11.93
N ALA B 94 9.81 4.61 11.96
CA ALA B 94 9.61 3.66 13.03
C ALA B 94 8.20 3.07 12.94
N THR B 95 7.91 2.11 13.82
CA THR B 95 6.56 1.51 13.87
C THR B 95 5.84 2.31 14.96
N TYR B 96 4.69 2.89 14.63
CA TYR B 96 3.92 3.67 15.57
C TYR B 96 2.75 2.84 16.13
N TYR B 97 2.58 2.90 17.44
CA TYR B 97 1.52 2.15 18.13
C TYR B 97 0.61 3.11 18.89
N CYS B 98 -0.71 2.87 18.88
CA CYS B 98 -1.60 3.69 19.75
C CYS B 98 -1.96 2.74 20.91
N ALA B 99 -2.29 3.27 22.08
CA ALA B 99 -2.64 2.44 23.21
C ALA B 99 -3.74 3.13 24.01
N ARG B 100 -4.66 2.35 24.54
CA ARG B 100 -5.73 2.89 25.39
C ARG B 100 -5.08 2.96 26.76
N ASP B 101 -5.30 4.04 27.49
CA ASP B 101 -4.66 4.13 28.79
C ASP B 101 -5.60 3.58 29.88
N GLY B 102 -5.91 2.29 29.81
CA GLY B 102 -6.78 1.69 30.80
C GLY B 102 -5.96 0.90 31.82
N SER B 103 -6.65 0.29 32.78
CA SER B 103 -6.02 -0.51 33.81
C SER B 103 -4.86 0.22 34.48
N TYR B 104 -5.00 1.53 34.64
CA TYR B 104 -3.94 2.33 35.27
C TYR B 104 -2.61 2.21 34.56
N ALA B 105 -2.67 2.04 33.23
CA ALA B 105 -1.48 1.87 32.40
C ALA B 105 -1.84 2.07 30.92
N MET B 106 -1.25 1.24 30.07
CA MET B 106 -1.52 1.22 28.64
C MET B 106 -1.84 -0.26 28.50
N ASP B 107 -3.13 -0.59 28.62
CA ASP B 107 -3.54 -1.99 28.63
C ASP B 107 -3.92 -2.70 27.32
N TYR B 108 -4.36 -1.97 26.29
CA TYR B 108 -4.66 -2.53 24.96
C TYR B 108 -3.97 -1.64 23.92
N TRP B 109 -3.19 -2.30 23.06
CA TRP B 109 -2.38 -1.65 22.04
C TRP B 109 -2.78 -1.97 20.60
N GLY B 110 -2.59 -1.01 19.71
CA GLY B 110 -2.88 -1.24 18.31
C GLY B 110 -1.88 -2.26 17.78
N GLN B 111 -2.04 -2.63 16.52
CA GLN B 111 -1.15 -3.60 15.92
C GLN B 111 0.10 -2.91 15.35
N GLY B 112 0.10 -1.58 15.37
CA GLY B 112 1.24 -0.82 14.87
C GLY B 112 1.17 -0.55 13.38
N THR B 113 1.77 0.56 12.97
CA THR B 113 1.82 0.93 11.54
C THR B 113 3.20 1.52 11.26
N SER B 114 3.79 1.07 10.16
CA SER B 114 5.11 1.49 9.80
C SER B 114 5.22 2.83 9.07
N VAL B 115 6.16 3.68 9.47
CA VAL B 115 6.34 4.94 8.77
C VAL B 115 7.81 5.08 8.33
N THR B 116 8.02 5.30 7.03
CA THR B 116 9.37 5.44 6.50
C THR B 116 9.50 6.81 5.86
N VAL B 117 10.41 7.61 6.37
CA VAL B 117 10.62 8.94 5.82
C VAL B 117 11.91 8.95 4.98
N SER B 118 11.78 9.23 3.68
CA SER B 118 12.95 9.29 2.78
C SER B 118 12.69 9.56 1.29
N SER B 119 13.62 10.27 0.66
CA SER B 119 13.50 10.64 -0.73
C SER B 119 13.66 9.49 -1.72
N ALA B 120 14.18 8.36 -1.25
CA ALA B 120 14.37 7.18 -2.11
C ALA B 120 13.05 6.66 -2.67
N SER B 121 13.01 6.29 -3.93
CA SER B 121 11.78 5.80 -4.55
C SER B 121 11.47 4.32 -4.42
N THR B 122 10.20 3.99 -4.52
CA THR B 122 9.75 2.61 -4.45
C THR B 122 10.42 1.80 -5.57
N LYS B 123 11.23 0.81 -5.16
CA LYS B 123 11.95 -0.05 -6.09
C LYS B 123 11.73 -1.52 -5.79
N GLY B 124 11.37 -2.29 -6.81
CA GLY B 124 11.14 -3.71 -6.62
C GLY B 124 12.43 -4.46 -6.39
N PRO B 125 12.35 -5.67 -5.80
CA PRO B 125 13.56 -6.45 -5.54
C PRO B 125 13.89 -7.43 -6.67
N SER B 126 15.17 -7.74 -6.81
CA SER B 126 15.63 -8.71 -7.79
C SER B 126 15.64 -10.00 -6.99
N VAL B 127 15.21 -11.11 -7.57
CA VAL B 127 15.20 -12.37 -6.83
C VAL B 127 16.08 -13.46 -7.46
N PHE B 128 17.10 -13.89 -6.72
CA PHE B 128 18.01 -14.90 -7.24
C PHE B 128 17.97 -16.18 -6.43
N PRO B 129 18.13 -17.32 -7.10
CA PRO B 129 18.08 -18.56 -6.34
C PRO B 129 19.42 -18.84 -5.67
N LEU B 130 19.37 -19.55 -4.56
CA LEU B 130 20.56 -19.95 -3.85
C LEU B 130 20.49 -21.45 -3.99
N ALA B 131 21.41 -22.03 -4.73
CA ALA B 131 21.40 -23.48 -4.91
C ALA B 131 22.77 -24.07 -4.60
N PRO B 132 22.81 -25.32 -4.10
CA PRO B 132 24.09 -25.96 -3.78
C PRO B 132 24.92 -26.05 -5.07
N SER B 133 26.21 -25.72 -4.98
CA SER B 133 27.10 -25.76 -6.15
C SER B 133 27.42 -27.20 -6.55
N SER B 134 28.11 -27.37 -7.68
CA SER B 134 28.48 -28.70 -8.18
C SER B 134 29.03 -29.59 -7.06
N LYS B 135 29.59 -28.98 -6.01
CA LYS B 135 30.13 -29.72 -4.88
C LYS B 135 29.10 -29.77 -3.75
N SER B 136 28.46 -30.94 -3.60
CA SER B 136 27.45 -31.15 -2.56
C SER B 136 27.93 -32.26 -1.62
N THR B 137 28.61 -31.84 -0.54
CA THR B 137 29.17 -32.76 0.47
C THR B 137 28.31 -34.01 0.68
N SER B 138 28.97 -35.14 0.93
CA SER B 138 28.28 -36.40 1.14
C SER B 138 27.61 -36.46 2.51
N GLY B 139 26.67 -35.55 2.75
CA GLY B 139 25.95 -35.51 4.01
C GLY B 139 24.53 -36.03 3.83
N GLY B 140 23.56 -35.40 4.50
CA GLY B 140 22.18 -35.83 4.39
C GLY B 140 21.24 -34.75 3.91
N THR B 141 21.22 -33.62 4.60
CA THR B 141 20.33 -32.51 4.24
C THR B 141 21.01 -31.42 3.42
N ALA B 142 20.31 -30.94 2.40
CA ALA B 142 20.82 -29.90 1.51
C ALA B 142 20.03 -28.61 1.69
N ALA B 143 20.74 -27.49 1.80
CA ALA B 143 20.09 -26.21 1.97
C ALA B 143 19.87 -25.53 0.63
N LEU B 144 18.86 -24.68 0.56
CA LEU B 144 18.60 -23.95 -0.66
C LEU B 144 17.84 -22.68 -0.29
N GLY B 145 17.79 -21.71 -1.19
CA GLY B 145 17.08 -20.50 -0.83
C GLY B 145 16.96 -19.46 -1.91
N CYS B 146 16.57 -18.28 -1.47
CA CYS B 146 16.40 -17.16 -2.36
C CYS B 146 17.01 -15.87 -1.81
N LEU B 147 17.70 -15.16 -2.70
CA LEU B 147 18.31 -13.89 -2.36
C LEU B 147 17.34 -12.85 -2.92
N VAL B 148 16.83 -12.03 -2.02
CA VAL B 148 15.91 -10.96 -2.38
C VAL B 148 16.74 -9.69 -2.18
N LYS B 149 17.33 -9.22 -3.28
CA LYS B 149 18.23 -8.07 -3.30
C LYS B 149 17.70 -6.71 -3.81
N ASP B 150 18.41 -5.66 -3.39
CA ASP B 150 18.15 -4.26 -3.75
C ASP B 150 16.68 -3.84 -3.90
N TYR B 151 15.98 -3.70 -2.80
CA TYR B 151 14.58 -3.26 -2.82
C TYR B 151 14.45 -2.13 -1.80
N PHE B 152 13.37 -1.35 -1.92
CA PHE B 152 13.11 -0.22 -1.03
C PHE B 152 11.66 0.25 -1.19
N PRO B 153 10.96 0.57 -0.08
CA PRO B 153 11.48 0.49 1.29
C PRO B 153 11.03 -0.86 1.82
N GLU B 154 11.21 -1.09 3.11
CA GLU B 154 10.76 -2.35 3.65
C GLU B 154 9.25 -2.31 3.66
N PRO B 155 8.61 -3.47 3.81
CA PRO B 155 9.31 -4.74 3.99
C PRO B 155 8.98 -5.70 2.85
N VAL B 156 9.61 -6.87 2.91
CA VAL B 156 9.38 -7.92 1.95
C VAL B 156 8.88 -9.11 2.75
N THR B 157 8.12 -9.99 2.09
CA THR B 157 7.59 -11.19 2.73
C THR B 157 7.97 -12.36 1.83
N VAL B 158 8.30 -13.52 2.40
CA VAL B 158 8.71 -14.65 1.59
C VAL B 158 8.09 -15.92 2.10
N SER B 159 7.64 -16.79 1.21
CA SER B 159 7.07 -18.05 1.65
C SER B 159 7.53 -19.12 0.66
N TRP B 160 7.43 -20.37 1.05
CA TRP B 160 7.88 -21.44 0.18
C TRP B 160 6.77 -22.45 -0.18
N ASN B 161 6.63 -22.70 -1.47
CA ASN B 161 5.64 -23.65 -1.99
C ASN B 161 4.25 -23.24 -1.56
N SER B 162 3.98 -21.96 -1.73
CA SER B 162 2.69 -21.39 -1.38
C SER B 162 2.33 -21.75 0.07
N GLY B 163 3.27 -21.54 0.97
CA GLY B 163 3.02 -21.83 2.38
C GLY B 163 3.12 -23.29 2.76
N ALA B 164 3.06 -24.18 1.76
CA ALA B 164 3.14 -25.61 2.00
C ALA B 164 4.38 -25.96 2.81
N LEU B 165 5.50 -25.35 2.44
CA LEU B 165 6.76 -25.60 3.12
C LEU B 165 7.03 -24.53 4.18
N THR B 166 7.09 -24.98 5.43
CA THR B 166 7.29 -24.10 6.56
C THR B 166 8.39 -24.54 7.52
N SER B 167 8.49 -25.83 7.78
CA SER B 167 9.48 -26.32 8.73
C SER B 167 10.90 -26.16 8.18
N GLY B 168 11.81 -25.72 9.05
CA GLY B 168 13.19 -25.53 8.63
C GLY B 168 13.37 -24.31 7.74
N VAL B 169 12.42 -23.39 7.77
CA VAL B 169 12.53 -22.19 6.95
C VAL B 169 13.09 -21.05 7.78
N HIS B 170 14.01 -20.30 7.21
CA HIS B 170 14.56 -19.15 7.90
C HIS B 170 14.67 -18.02 6.91
N THR B 171 13.97 -16.94 7.23
CA THR B 171 13.97 -15.74 6.41
C THR B 171 14.64 -14.71 7.30
N PHE B 172 15.84 -14.31 6.91
CA PHE B 172 16.62 -13.37 7.69
C PHE B 172 16.15 -11.91 7.66
N PRO B 173 16.51 -11.14 8.70
CA PRO B 173 16.15 -9.73 8.78
C PRO B 173 16.89 -9.02 7.63
N ALA B 174 16.30 -7.98 7.08
CA ALA B 174 16.94 -7.27 5.98
C ALA B 174 18.03 -6.35 6.49
N VAL B 175 19.07 -6.18 5.70
CA VAL B 175 20.15 -5.30 6.05
C VAL B 175 20.25 -4.23 4.97
N LEU B 176 20.69 -3.05 5.38
CA LEU B 176 20.85 -1.91 4.48
C LEU B 176 22.26 -1.99 3.89
N GLN B 177 22.35 -2.08 2.58
CA GLN B 177 23.66 -2.19 1.95
C GLN B 177 24.43 -0.88 1.83
N SER B 178 25.70 -1.00 1.46
CA SER B 178 26.61 0.14 1.29
C SER B 178 25.90 1.33 0.69
N SER B 179 25.03 1.07 -0.28
CA SER B 179 24.26 2.12 -0.93
C SER B 179 23.09 2.46 0.02
N GLY B 180 21.86 2.29 -0.45
CA GLY B 180 20.72 2.59 0.40
C GLY B 180 19.61 1.57 0.34
N LEU B 181 19.74 0.62 -0.58
CA LEU B 181 18.72 -0.42 -0.72
C LEU B 181 18.89 -1.54 0.31
N TYR B 182 17.82 -2.30 0.52
CA TYR B 182 17.79 -3.42 1.46
C TYR B 182 17.92 -4.73 0.69
N SER B 183 18.26 -5.80 1.40
CA SER B 183 18.33 -7.13 0.81
C SER B 183 18.31 -8.15 1.93
N LEU B 184 17.76 -9.31 1.64
CA LEU B 184 17.68 -10.38 2.60
C LEU B 184 17.64 -11.70 1.85
N SER B 185 17.88 -12.75 2.59
CA SER B 185 17.87 -14.07 2.00
C SER B 185 16.96 -14.92 2.84
N SER B 186 16.31 -15.84 2.16
CA SER B 186 15.45 -16.81 2.80
C SER B 186 16.01 -18.16 2.39
N VAL B 187 16.07 -19.09 3.34
CA VAL B 187 16.61 -20.42 3.05
C VAL B 187 15.79 -21.49 3.72
N VAL B 188 15.95 -22.72 3.25
CA VAL B 188 15.22 -23.84 3.84
C VAL B 188 16.05 -25.11 3.70
N THR B 189 15.90 -26.01 4.66
CA THR B 189 16.61 -27.29 4.63
C THR B 189 15.74 -28.37 3.96
N VAL B 190 16.38 -29.37 3.37
CA VAL B 190 15.68 -30.47 2.72
C VAL B 190 16.64 -31.66 2.61
N PRO B 191 16.14 -32.82 2.16
CA PRO B 191 17.00 -34.01 2.02
C PRO B 191 17.89 -33.92 0.78
N SER B 192 19.17 -34.26 0.94
CA SER B 192 20.10 -34.21 -0.18
C SER B 192 19.56 -34.99 -1.37
N SER B 193 18.98 -36.15 -1.11
CA SER B 193 18.44 -37.00 -2.15
C SER B 193 17.13 -36.49 -2.77
N SER B 194 16.75 -35.25 -2.49
CA SER B 194 15.47 -34.73 -3.01
C SER B 194 15.54 -33.54 -3.95
N LEU B 195 16.66 -32.81 -3.89
CA LEU B 195 16.86 -31.61 -4.69
C LEU B 195 16.31 -31.68 -6.11
N GLY B 196 16.66 -32.74 -6.84
CA GLY B 196 16.21 -32.86 -8.21
C GLY B 196 14.79 -33.31 -8.49
N THR B 197 14.38 -34.43 -7.91
CA THR B 197 13.04 -34.98 -8.12
C THR B 197 11.89 -33.99 -7.84
N GLN B 198 12.08 -33.15 -6.83
CA GLN B 198 11.06 -32.19 -6.43
C GLN B 198 11.35 -30.74 -6.85
N THR B 199 10.30 -29.93 -6.89
CA THR B 199 10.42 -28.53 -7.26
C THR B 199 10.21 -27.65 -6.04
N TYR B 200 11.11 -26.68 -5.85
CA TYR B 200 10.99 -25.75 -4.74
C TYR B 200 10.84 -24.36 -5.31
N ILE B 201 9.83 -23.66 -4.83
CA ILE B 201 9.56 -22.32 -5.32
C ILE B 201 9.52 -21.39 -4.14
N CYS B 202 10.11 -20.20 -4.27
CA CYS B 202 10.03 -19.25 -3.18
C CYS B 202 9.16 -18.14 -3.69
N ASN B 203 8.14 -17.81 -2.89
CA ASN B 203 7.17 -16.79 -3.23
C ASN B 203 7.55 -15.48 -2.53
N VAL B 204 8.00 -14.51 -3.32
CA VAL B 204 8.40 -13.22 -2.76
C VAL B 204 7.32 -12.19 -3.00
N ASN B 205 6.82 -11.60 -1.93
CA ASN B 205 5.78 -10.59 -2.03
C ASN B 205 6.31 -9.27 -1.48
N HIS B 206 6.24 -8.21 -2.30
CA HIS B 206 6.70 -6.90 -1.90
C HIS B 206 5.65 -5.83 -2.22
N LYS B 207 4.64 -5.73 -1.38
CA LYS B 207 3.55 -4.77 -1.54
C LYS B 207 3.98 -3.34 -1.96
N PRO B 208 4.92 -2.72 -1.23
CA PRO B 208 5.34 -1.37 -1.59
C PRO B 208 5.60 -1.09 -3.07
N SER B 209 5.77 -2.14 -3.86
CA SER B 209 6.01 -1.96 -5.29
C SER B 209 5.19 -2.96 -6.10
N ASN B 210 4.08 -3.40 -5.50
CA ASN B 210 3.18 -4.35 -6.14
C ASN B 210 3.88 -5.53 -6.80
N THR B 211 5.02 -5.94 -6.26
CA THR B 211 5.73 -7.08 -6.82
C THR B 211 5.32 -8.38 -6.13
N LYS B 212 5.19 -9.43 -6.93
CA LYS B 212 4.85 -10.74 -6.42
C LYS B 212 5.54 -11.70 -7.36
N VAL B 213 6.69 -12.19 -6.94
CA VAL B 213 7.48 -13.08 -7.76
C VAL B 213 7.57 -14.48 -7.18
N ASP B 214 7.54 -15.48 -8.06
CA ASP B 214 7.67 -16.87 -7.65
C ASP B 214 8.91 -17.38 -8.33
N LYS B 215 9.99 -17.55 -7.57
CA LYS B 215 11.23 -18.02 -8.15
C LYS B 215 11.40 -19.51 -7.97
N LYS B 216 11.47 -20.21 -9.09
CA LYS B 216 11.66 -21.65 -9.03
C LYS B 216 13.16 -21.81 -8.74
N VAL B 217 13.48 -22.52 -7.67
CA VAL B 217 14.88 -22.72 -7.33
C VAL B 217 15.32 -24.04 -7.92
N GLU B 218 15.91 -23.98 -9.11
CA GLU B 218 16.36 -25.17 -9.81
C GLU B 218 17.80 -25.52 -9.43
N PRO B 219 18.17 -26.81 -9.56
CA PRO B 219 19.52 -27.31 -9.24
C PRO B 219 20.53 -26.92 -10.34
N GLU C 1 5.26 19.23 -35.46
CA GLU C 1 4.44 19.83 -36.55
C GLU C 1 3.11 19.10 -36.73
N LEU C 2 3.18 17.78 -36.87
CA LEU C 2 2.01 16.93 -37.09
C LEU C 2 0.85 17.10 -36.10
N VAL C 3 -0.37 16.96 -36.63
CA VAL C 3 -1.60 17.10 -35.84
C VAL C 3 -2.62 15.99 -36.18
N MET C 4 -3.14 15.35 -35.14
CA MET C 4 -4.11 14.28 -35.30
C MET C 4 -5.49 14.77 -34.88
N THR C 5 -6.40 14.87 -35.83
CA THR C 5 -7.77 15.30 -35.56
C THR C 5 -8.73 14.11 -35.57
N GLN C 6 -9.24 13.76 -34.40
CA GLN C 6 -10.17 12.65 -34.29
C GLN C 6 -11.56 13.16 -33.95
N THR C 7 -12.56 12.71 -34.71
CA THR C 7 -13.95 13.12 -34.49
C THR C 7 -14.87 11.92 -34.73
N PRO C 8 -16.05 11.90 -34.10
CA PRO C 8 -16.58 12.90 -33.16
C PRO C 8 -16.02 12.69 -31.75
N LEU C 9 -15.98 13.76 -30.95
CA LEU C 9 -15.47 13.67 -29.59
C LEU C 9 -16.32 12.66 -28.80
N SER C 10 -17.63 12.67 -29.08
CA SER C 10 -18.56 11.76 -28.41
C SER C 10 -19.46 11.12 -29.49
N LEU C 11 -19.87 9.87 -29.27
CA LEU C 11 -20.66 9.17 -30.26
C LEU C 11 -21.71 8.17 -29.75
N PRO C 12 -22.96 8.61 -29.60
CA PRO C 12 -24.02 7.71 -29.11
C PRO C 12 -24.47 6.80 -30.24
N VAL C 13 -24.89 5.59 -29.87
CA VAL C 13 -25.37 4.61 -30.84
C VAL C 13 -25.99 3.49 -30.05
N SER C 14 -27.06 2.91 -30.58
CA SER C 14 -27.79 1.83 -29.93
C SER C 14 -27.23 0.44 -30.26
N LEU C 15 -27.63 -0.57 -29.47
CA LEU C 15 -27.19 -1.95 -29.68
C LEU C 15 -27.33 -2.42 -31.13
N GLY C 16 -26.45 -3.33 -31.56
CA GLY C 16 -26.51 -3.87 -32.92
C GLY C 16 -26.16 -2.95 -34.09
N ASP C 17 -26.01 -1.66 -33.82
CA ASP C 17 -25.69 -0.70 -34.88
C ASP C 17 -24.22 -0.56 -35.21
N GLN C 18 -23.94 0.29 -36.18
CA GLN C 18 -22.59 0.57 -36.61
C GLN C 18 -22.13 1.95 -36.18
N ALA C 19 -20.92 2.02 -35.64
CA ALA C 19 -20.33 3.26 -35.21
C ALA C 19 -19.10 3.43 -36.05
N SER C 20 -18.79 4.65 -36.44
CA SER C 20 -17.59 4.85 -37.24
C SER C 20 -16.89 6.05 -36.65
N ILE C 21 -15.58 5.97 -36.58
CA ILE C 21 -14.81 7.05 -36.00
C ILE C 21 -13.78 7.51 -37.03
N SER C 22 -13.56 8.82 -37.11
CA SER C 22 -12.63 9.36 -38.08
C SER C 22 -11.39 9.96 -37.47
N CYS C 23 -10.28 9.89 -38.20
CA CYS C 23 -9.00 10.39 -37.72
C CYS C 23 -8.17 10.95 -38.87
N ARG C 24 -8.00 12.26 -38.92
CA ARG C 24 -7.21 12.88 -39.99
C ARG C 24 -5.91 13.48 -39.46
N SER C 25 -4.86 13.39 -40.26
CA SER C 25 -3.56 13.94 -39.90
C SER C 25 -3.23 15.12 -40.82
N SER C 26 -2.68 16.18 -40.24
CA SER C 26 -2.32 17.38 -40.99
C SER C 26 -1.33 17.05 -42.09
N GLN C 27 -0.67 15.91 -41.96
CA GLN C 27 0.30 15.51 -42.96
C GLN C 27 0.42 13.99 -43.05
N SER C 28 0.63 13.50 -44.27
CA SER C 28 0.75 12.07 -44.52
C SER C 28 1.67 11.34 -43.54
N ILE C 29 1.25 10.14 -43.18
CA ILE C 29 2.02 9.30 -42.27
C ILE C 29 2.33 7.97 -42.99
N VAL C 30 2.56 8.07 -44.29
CA VAL C 30 2.87 6.89 -45.12
C VAL C 30 4.37 6.71 -45.38
N HIS C 31 4.89 5.55 -44.95
CA HIS C 31 6.30 5.24 -45.11
C HIS C 31 6.70 4.78 -46.51
N SER C 32 7.98 4.99 -46.81
CA SER C 32 8.56 4.63 -48.10
C SER C 32 8.33 3.15 -48.42
N ASN C 33 8.59 2.30 -47.43
CA ASN C 33 8.40 0.87 -47.60
C ASN C 33 6.92 0.48 -47.76
N GLY C 34 6.05 1.49 -47.85
CA GLY C 34 4.62 1.23 -48.02
C GLY C 34 3.86 0.94 -46.74
N ASN C 35 4.55 1.08 -45.61
CA ASN C 35 3.95 0.82 -44.30
C ASN C 35 3.35 2.08 -43.66
N THR C 36 2.08 2.00 -43.29
CA THR C 36 1.39 3.11 -42.63
C THR C 36 1.12 2.74 -41.17
N TYR C 37 1.83 3.40 -40.25
CA TYR C 37 1.67 3.11 -38.82
C TYR C 37 0.59 3.91 -38.11
N LEU C 38 -0.66 3.62 -38.43
CA LEU C 38 -1.80 4.28 -37.81
C LEU C 38 -2.54 3.22 -36.97
N GLU C 39 -2.62 3.42 -35.66
CA GLU C 39 -3.25 2.44 -34.75
C GLU C 39 -4.61 2.83 -34.13
N TRP C 40 -5.32 1.85 -33.57
CA TRP C 40 -6.59 2.11 -32.86
C TRP C 40 -6.57 1.36 -31.50
N TYR C 41 -6.86 2.10 -30.43
CA TYR C 41 -6.89 1.59 -29.05
C TYR C 41 -8.24 1.80 -28.41
N LEU C 42 -8.57 0.92 -27.45
CA LEU C 42 -9.80 1.02 -26.70
C LEU C 42 -9.48 1.06 -25.22
N GLN C 43 -9.99 2.06 -24.51
CA GLN C 43 -9.81 2.14 -23.08
C GLN C 43 -11.14 2.09 -22.37
N LYS C 44 -11.42 1.00 -21.66
CA LYS C 44 -12.67 0.85 -20.93
C LYS C 44 -12.46 1.48 -19.55
N PRO C 45 -13.52 2.04 -18.95
CA PRO C 45 -13.44 2.69 -17.64
C PRO C 45 -12.66 1.86 -16.61
N GLY C 46 -11.69 2.51 -15.96
CA GLY C 46 -10.90 1.82 -14.97
C GLY C 46 -9.79 0.89 -15.46
N GLN C 47 -9.70 0.67 -16.78
CA GLN C 47 -8.68 -0.23 -17.32
C GLN C 47 -7.61 0.51 -18.11
N SER C 48 -6.56 -0.21 -18.48
CA SER C 48 -5.48 0.35 -19.27
C SER C 48 -5.97 0.27 -20.72
N PRO C 49 -5.38 1.07 -21.61
CA PRO C 49 -5.80 1.02 -23.02
C PRO C 49 -5.43 -0.35 -23.54
N LYS C 50 -6.08 -0.79 -24.61
CA LYS C 50 -5.79 -2.07 -25.20
C LYS C 50 -5.74 -1.87 -26.70
N LEU C 51 -4.78 -2.53 -27.33
CA LEU C 51 -4.60 -2.42 -28.77
C LEU C 51 -5.71 -3.16 -29.53
N LEU C 52 -6.27 -2.51 -30.56
CA LEU C 52 -7.34 -3.12 -31.38
C LEU C 52 -6.92 -3.42 -32.82
N ILE C 53 -6.40 -2.39 -33.45
CA ILE C 53 -6.00 -2.42 -34.87
C ILE C 53 -4.60 -1.89 -35.03
N TYR C 54 -3.75 -2.57 -35.77
CA TYR C 54 -2.42 -2.02 -35.99
C TYR C 54 -2.17 -1.89 -37.51
N LYS C 55 -1.24 -1.04 -37.91
CA LYS C 55 -0.95 -0.79 -39.32
C LYS C 55 -2.24 -0.62 -40.13
N VAL C 56 -3.04 0.36 -39.72
CA VAL C 56 -4.30 0.71 -40.37
C VAL C 56 -5.45 -0.28 -40.34
N SER C 57 -5.21 -1.53 -40.70
CA SER C 57 -6.32 -2.49 -40.76
C SER C 57 -6.08 -3.85 -40.17
N ASN C 58 -4.92 -4.04 -39.57
CA ASN C 58 -4.65 -5.33 -38.97
C ASN C 58 -5.32 -5.41 -37.61
N ARG C 59 -5.95 -6.54 -37.36
CA ARG C 59 -6.69 -6.80 -36.13
C ARG C 59 -5.84 -7.53 -35.11
N PHE C 60 -5.72 -6.96 -33.92
CA PHE C 60 -4.89 -7.59 -32.91
C PHE C 60 -5.49 -8.89 -32.37
N SER C 61 -4.64 -9.66 -31.69
CA SER C 61 -4.97 -10.97 -31.12
C SER C 61 -6.35 -11.30 -30.51
N GLY C 62 -6.83 -10.53 -29.55
CA GLY C 62 -8.12 -10.90 -28.98
C GLY C 62 -9.28 -10.01 -29.37
N VAL C 63 -9.27 -9.56 -30.60
CA VAL C 63 -10.29 -8.66 -31.09
C VAL C 63 -11.29 -9.32 -32.03
N PRO C 64 -12.59 -9.25 -31.67
CA PRO C 64 -13.64 -9.85 -32.51
C PRO C 64 -13.59 -9.14 -33.88
N ASP C 65 -13.98 -9.83 -34.94
CA ASP C 65 -13.94 -9.25 -36.28
C ASP C 65 -14.95 -8.13 -36.54
N ARG C 66 -15.77 -7.79 -35.55
CA ARG C 66 -16.74 -6.72 -35.71
C ARG C 66 -15.97 -5.41 -35.96
N PHE C 67 -14.75 -5.34 -35.44
CA PHE C 67 -13.93 -4.15 -35.59
C PHE C 67 -13.08 -4.24 -36.86
N SER C 68 -12.94 -3.13 -37.58
CA SER C 68 -12.13 -3.08 -38.78
C SER C 68 -11.75 -1.66 -39.11
N GLY C 69 -10.48 -1.45 -39.46
CA GLY C 69 -10.02 -0.11 -39.79
C GLY C 69 -9.63 0.01 -41.24
N SER C 70 -9.75 1.20 -41.79
CA SER C 70 -9.39 1.42 -43.19
C SER C 70 -8.88 2.84 -43.32
N GLY C 71 -8.47 3.23 -44.53
CA GLY C 71 -7.98 4.58 -44.71
C GLY C 71 -6.72 4.69 -45.53
N SER C 72 -6.41 5.91 -45.97
CA SER C 72 -5.22 6.17 -46.78
C SER C 72 -4.62 7.56 -46.53
N GLY C 73 -3.30 7.64 -46.64
CA GLY C 73 -2.58 8.90 -46.48
C GLY C 73 -2.86 9.78 -45.27
N THR C 74 -3.99 10.47 -45.30
CA THR C 74 -4.34 11.36 -44.20
C THR C 74 -5.75 11.17 -43.62
N ASP C 75 -6.49 10.20 -44.16
CA ASP C 75 -7.86 9.91 -43.71
C ASP C 75 -8.05 8.42 -43.37
N PHE C 76 -8.23 8.13 -42.08
CA PHE C 76 -8.39 6.76 -41.63
C PHE C 76 -9.71 6.59 -40.89
N THR C 77 -10.21 5.36 -40.85
CA THR C 77 -11.47 5.09 -40.19
C THR C 77 -11.55 3.78 -39.42
N LEU C 78 -12.30 3.81 -38.33
CA LEU C 78 -12.52 2.63 -37.50
C LEU C 78 -14.02 2.37 -37.52
N LYS C 79 -14.42 1.18 -37.93
CA LYS C 79 -15.84 0.85 -37.98
C LYS C 79 -16.17 -0.34 -37.10
N ILE C 80 -17.14 -0.14 -36.22
CA ILE C 80 -17.58 -1.22 -35.34
C ILE C 80 -18.97 -1.56 -35.82
N SER C 81 -19.29 -2.85 -35.88
CA SER C 81 -20.61 -3.28 -36.33
C SER C 81 -21.24 -4.25 -35.34
N ARG C 82 -22.52 -4.06 -35.06
CA ARG C 82 -23.24 -4.91 -34.11
C ARG C 82 -22.72 -4.67 -32.70
N VAL C 83 -22.71 -3.40 -32.31
CA VAL C 83 -22.24 -2.99 -31.00
C VAL C 83 -22.90 -3.76 -29.86
N GLU C 84 -22.26 -3.71 -28.70
CA GLU C 84 -22.78 -4.37 -27.51
C GLU C 84 -22.06 -3.86 -26.26
N ALA C 85 -22.72 -3.97 -25.12
CA ALA C 85 -22.21 -3.51 -23.83
C ALA C 85 -20.68 -3.39 -23.76
N GLU C 86 -19.99 -4.53 -23.81
CA GLU C 86 -18.52 -4.57 -23.74
C GLU C 86 -17.85 -3.41 -24.49
N ASP C 87 -18.26 -3.20 -25.74
CA ASP C 87 -17.68 -2.16 -26.60
C ASP C 87 -17.65 -0.75 -25.99
N LEU C 88 -18.35 -0.55 -24.89
CA LEU C 88 -18.40 0.77 -24.26
C LEU C 88 -17.02 1.25 -23.76
N GLY C 89 -16.70 2.49 -24.06
CA GLY C 89 -15.43 3.05 -23.64
C GLY C 89 -14.99 4.17 -24.55
N VAL C 90 -13.73 4.56 -24.42
CA VAL C 90 -13.18 5.61 -25.25
C VAL C 90 -12.19 4.96 -26.25
N TYR C 91 -12.29 5.35 -27.53
CA TYR C 91 -11.41 4.87 -28.61
C TYR C 91 -10.43 5.97 -29.00
N TYR C 92 -9.18 5.58 -29.31
CA TYR C 92 -8.16 6.54 -29.71
C TYR C 92 -7.40 6.08 -30.95
N CYS C 93 -7.11 6.99 -31.88
CA CYS C 93 -6.29 6.62 -33.02
C CYS C 93 -4.93 7.15 -32.60
N PHE C 94 -3.87 6.62 -33.19
CA PHE C 94 -2.51 7.01 -32.82
C PHE C 94 -1.56 6.86 -34.00
N GLN C 95 -0.78 7.90 -34.23
CA GLN C 95 0.18 7.96 -35.32
C GLN C 95 1.57 7.64 -34.78
N GLY C 96 2.19 6.56 -35.27
CA GLY C 96 3.51 6.17 -34.80
C GLY C 96 4.62 6.32 -35.83
N SER C 97 4.27 6.86 -37.00
CA SER C 97 5.22 7.07 -38.07
C SER C 97 6.21 8.16 -37.72
N HIS C 98 5.68 9.34 -37.44
CA HIS C 98 6.49 10.51 -37.09
C HIS C 98 6.81 10.63 -35.59
N VAL C 99 7.90 11.32 -35.30
CA VAL C 99 8.34 11.56 -33.92
C VAL C 99 8.40 13.08 -33.77
N PRO C 100 7.82 13.63 -32.68
CA PRO C 100 7.12 12.88 -31.63
C PRO C 100 5.81 12.19 -32.06
N ARG C 101 5.60 10.99 -31.54
CA ARG C 101 4.40 10.25 -31.83
C ARG C 101 3.22 11.00 -31.22
N THR C 102 1.99 10.69 -31.64
CA THR C 102 0.86 11.45 -31.15
C THR C 102 -0.48 10.72 -31.18
N PHE C 103 -1.29 11.00 -30.15
CA PHE C 103 -2.63 10.43 -29.98
C PHE C 103 -3.68 11.40 -30.52
N GLY C 104 -4.77 10.84 -31.02
CA GLY C 104 -5.84 11.69 -31.45
C GLY C 104 -6.50 12.07 -30.13
N GLY C 105 -7.54 12.90 -30.18
CA GLY C 105 -8.19 13.36 -28.97
C GLY C 105 -9.21 12.43 -28.31
N GLY C 106 -9.40 11.24 -28.86
CA GLY C 106 -10.36 10.32 -28.26
C GLY C 106 -11.80 10.52 -28.73
N THR C 107 -12.60 9.47 -28.63
CA THR C 107 -14.01 9.46 -29.03
C THR C 107 -14.73 8.55 -28.05
N LYS C 108 -15.61 9.09 -27.21
CA LYS C 108 -16.33 8.22 -26.27
C LYS C 108 -17.59 7.63 -26.90
N LEU C 109 -17.69 6.31 -26.87
CA LEU C 109 -18.84 5.63 -27.46
C LEU C 109 -19.89 5.21 -26.44
N GLU C 110 -21.00 5.95 -26.39
CA GLU C 110 -22.08 5.62 -25.46
C GLU C 110 -23.21 4.83 -26.13
N ILE C 111 -24.03 4.18 -25.31
CA ILE C 111 -25.15 3.38 -25.81
C ILE C 111 -26.52 4.02 -25.59
N LYS C 112 -27.17 4.46 -26.68
CA LYS C 112 -28.49 5.09 -26.61
C LYS C 112 -29.60 4.03 -26.53
N ARG C 113 -30.59 4.29 -25.68
CA ARG C 113 -31.70 3.36 -25.47
C ARG C 113 -33.06 4.05 -25.19
N THR C 114 -33.95 3.31 -24.54
CA THR C 114 -35.30 3.78 -24.23
C THR C 114 -35.50 4.54 -22.91
N VAL C 115 -35.92 5.80 -23.02
CA VAL C 115 -36.17 6.66 -21.86
C VAL C 115 -36.65 5.90 -20.61
N ALA C 116 -35.97 6.14 -19.49
CA ALA C 116 -36.34 5.49 -18.22
C ALA C 116 -36.37 6.53 -17.11
N ALA C 117 -37.39 6.45 -16.26
CA ALA C 117 -37.54 7.38 -15.16
C ALA C 117 -36.67 6.95 -14.00
N PRO C 118 -36.06 7.91 -13.30
CA PRO C 118 -35.20 7.58 -12.17
C PRO C 118 -35.97 7.36 -10.90
N SER C 119 -35.52 6.41 -10.09
CA SER C 119 -36.14 6.17 -8.80
C SER C 119 -35.38 7.13 -7.87
N VAL C 120 -36.10 8.08 -7.24
CA VAL C 120 -35.48 9.07 -6.38
C VAL C 120 -35.48 8.83 -4.87
N PHE C 121 -34.35 9.10 -4.20
CA PHE C 121 -34.23 8.96 -2.76
C PHE C 121 -33.49 10.13 -2.10
N ILE C 122 -33.80 10.41 -0.85
CA ILE C 122 -33.13 11.49 -0.17
C ILE C 122 -32.58 10.98 1.15
N PHE C 123 -31.42 11.51 1.55
CA PHE C 123 -30.80 11.13 2.81
C PHE C 123 -30.41 12.32 3.69
N PRO C 124 -30.85 12.33 4.95
CA PRO C 124 -30.48 13.43 5.84
C PRO C 124 -29.04 13.25 6.31
N PRO C 125 -28.44 14.29 6.90
CA PRO C 125 -27.07 14.13 7.35
C PRO C 125 -27.09 13.28 8.62
N SER C 126 -26.05 12.48 8.83
CA SER C 126 -26.00 11.63 10.01
C SER C 126 -25.70 12.53 11.19
N ASP C 127 -26.12 12.12 12.39
CA ASP C 127 -25.86 12.93 13.58
C ASP C 127 -24.35 13.00 13.77
N GLU C 128 -23.68 11.95 13.34
CA GLU C 128 -22.24 11.85 13.45
C GLU C 128 -21.52 13.02 12.74
N GLN C 129 -21.88 13.31 11.49
CA GLN C 129 -21.27 14.41 10.76
C GLN C 129 -21.58 15.79 11.34
N LEU C 130 -22.79 15.94 11.86
CA LEU C 130 -23.22 17.22 12.44
C LEU C 130 -22.28 17.72 13.52
N LYS C 131 -21.74 16.82 14.34
CA LYS C 131 -20.81 17.23 15.38
C LYS C 131 -19.67 18.08 14.80
N SER C 132 -19.24 17.77 13.58
CA SER C 132 -18.16 18.49 12.90
C SER C 132 -18.55 19.89 12.41
N GLY C 133 -19.81 20.25 12.59
CA GLY C 133 -20.25 21.56 12.13
C GLY C 133 -20.68 21.61 10.67
N THR C 134 -20.71 20.45 10.02
CA THR C 134 -21.13 20.39 8.61
C THR C 134 -22.31 19.45 8.41
N ALA C 135 -23.17 19.81 7.45
CA ALA C 135 -24.33 18.99 7.14
C ALA C 135 -24.42 18.71 5.64
N SER C 136 -24.31 17.44 5.28
CA SER C 136 -24.43 17.05 3.89
C SER C 136 -25.77 16.33 3.72
N VAL C 137 -26.53 16.74 2.72
CA VAL C 137 -27.82 16.11 2.46
C VAL C 137 -27.67 15.53 1.09
N VAL C 138 -28.07 14.28 0.94
CA VAL C 138 -27.88 13.63 -0.34
C VAL C 138 -29.12 13.14 -1.03
N CYS C 139 -29.15 13.38 -2.33
CA CYS C 139 -30.27 12.96 -3.15
C CYS C 139 -29.74 11.99 -4.17
N LEU C 140 -30.36 10.84 -4.28
CA LEU C 140 -29.93 9.83 -5.23
C LEU C 140 -30.97 9.64 -6.30
N LEU C 141 -30.53 9.67 -7.57
CA LEU C 141 -31.40 9.44 -8.71
C LEU C 141 -30.89 8.13 -9.28
N ASN C 142 -31.69 7.08 -9.13
CA ASN C 142 -31.28 5.75 -9.56
C ASN C 142 -31.82 5.19 -10.89
N ASN C 143 -30.92 4.55 -11.64
CA ASN C 143 -31.25 3.89 -12.91
C ASN C 143 -32.16 4.63 -13.86
N PHE C 144 -31.60 5.60 -14.59
CA PHE C 144 -32.38 6.38 -15.51
C PHE C 144 -31.68 6.67 -16.84
N TYR C 145 -32.46 7.07 -17.83
CA TYR C 145 -31.95 7.41 -19.17
C TYR C 145 -32.98 8.28 -19.87
N PRO C 146 -32.53 9.31 -20.60
CA PRO C 146 -31.17 9.79 -20.86
C PRO C 146 -30.44 10.32 -19.63
N ARG C 147 -29.17 10.65 -19.82
CA ARG C 147 -28.33 11.17 -18.76
C ARG C 147 -28.85 12.48 -18.22
N GLU C 148 -29.36 13.31 -19.13
CA GLU C 148 -29.90 14.61 -18.76
C GLU C 148 -30.89 14.50 -17.62
N ALA C 149 -30.73 15.36 -16.62
CA ALA C 149 -31.62 15.40 -15.47
C ALA C 149 -31.29 16.65 -14.70
N LYS C 150 -32.29 17.26 -14.10
CA LYS C 150 -32.03 18.46 -13.32
C LYS C 150 -32.46 18.19 -11.90
N VAL C 151 -31.67 18.65 -10.93
CA VAL C 151 -32.02 18.43 -9.54
C VAL C 151 -31.94 19.75 -8.79
N GLN C 152 -33.04 20.15 -8.17
CA GLN C 152 -33.07 21.37 -7.41
C GLN C 152 -33.28 21.07 -5.96
N TRP C 153 -32.61 21.81 -5.10
CA TRP C 153 -32.74 21.61 -3.69
C TRP C 153 -33.57 22.77 -3.17
N LYS C 154 -34.47 22.47 -2.25
CA LYS C 154 -35.31 23.50 -1.65
C LYS C 154 -35.30 23.29 -0.14
N VAL C 155 -35.01 24.37 0.59
CA VAL C 155 -34.97 24.33 2.05
C VAL C 155 -36.07 25.28 2.52
N ASP C 156 -37.12 24.72 3.11
CA ASP C 156 -38.26 25.52 3.55
C ASP C 156 -38.85 26.20 2.32
N ASN C 157 -38.90 25.47 1.21
CA ASN C 157 -39.44 25.95 -0.06
C ASN C 157 -38.55 26.91 -0.83
N ALA C 158 -37.51 27.43 -0.19
CA ALA C 158 -36.58 28.37 -0.83
C ALA C 158 -35.53 27.66 -1.67
N LEU C 159 -35.45 27.99 -2.94
CA LEU C 159 -34.47 27.39 -3.86
C LEU C 159 -33.05 27.64 -3.41
N GLN C 160 -32.18 26.63 -3.59
CA GLN C 160 -30.79 26.71 -3.19
C GLN C 160 -29.91 26.83 -4.42
N SER C 161 -28.80 27.55 -4.28
CA SER C 161 -27.90 27.73 -5.41
C SER C 161 -26.46 27.85 -4.97
N GLY C 162 -25.57 27.21 -5.73
CA GLY C 162 -24.16 27.27 -5.43
C GLY C 162 -23.62 26.39 -4.33
N ASN C 163 -24.49 25.65 -3.63
CA ASN C 163 -23.99 24.77 -2.58
C ASN C 163 -24.32 23.30 -2.75
N SER C 164 -24.39 22.86 -4.00
CA SER C 164 -24.63 21.45 -4.30
C SER C 164 -23.67 21.05 -5.40
N GLN C 165 -23.35 19.76 -5.45
CA GLN C 165 -22.45 19.21 -6.44
C GLN C 165 -23.06 17.86 -6.86
N GLU C 166 -22.93 17.54 -8.14
CA GLU C 166 -23.45 16.31 -8.70
C GLU C 166 -22.35 15.40 -9.17
N SER C 167 -22.65 14.11 -9.17
CA SER C 167 -21.71 13.13 -9.66
C SER C 167 -22.53 12.05 -10.33
N VAL C 168 -22.08 11.61 -11.49
CA VAL C 168 -22.79 10.61 -12.29
C VAL C 168 -21.97 9.37 -12.51
N THR C 169 -22.61 8.21 -12.42
CA THR C 169 -21.92 6.95 -12.64
C THR C 169 -21.77 6.76 -14.13
N GLU C 170 -20.98 5.77 -14.50
CA GLU C 170 -20.78 5.44 -15.90
C GLU C 170 -21.97 4.56 -16.29
N GLN C 171 -22.37 4.64 -17.55
CA GLN C 171 -23.47 3.86 -18.09
C GLN C 171 -23.39 2.39 -17.61
N ASP C 172 -24.37 1.94 -16.85
CA ASP C 172 -24.39 0.57 -16.33
C ASP C 172 -24.15 -0.45 -17.46
N SER C 173 -23.31 -1.45 -17.20
CA SER C 173 -22.97 -2.46 -18.20
C SER C 173 -24.16 -3.29 -18.66
N LYS C 174 -25.07 -3.59 -17.73
CA LYS C 174 -26.27 -4.35 -18.05
C LYS C 174 -27.32 -3.54 -18.80
N ASP C 175 -28.10 -2.76 -18.05
CA ASP C 175 -29.19 -1.95 -18.60
C ASP C 175 -28.86 -0.64 -19.32
N SER C 176 -27.58 -0.26 -19.37
CA SER C 176 -27.17 0.98 -20.03
C SER C 176 -27.67 2.29 -19.40
N THR C 177 -28.19 2.23 -18.18
CA THR C 177 -28.69 3.43 -17.49
C THR C 177 -27.66 4.14 -16.61
N TYR C 178 -28.04 5.32 -16.13
CA TYR C 178 -27.16 6.10 -15.28
C TYR C 178 -27.73 6.23 -13.89
N SER C 179 -26.89 6.66 -12.95
CA SER C 179 -27.30 6.90 -11.60
C SER C 179 -26.66 8.22 -11.25
N LEU C 180 -27.30 8.97 -10.37
CA LEU C 180 -26.77 10.26 -10.02
C LEU C 180 -26.97 10.56 -8.55
N SER C 181 -26.03 11.29 -7.99
CA SER C 181 -26.11 11.69 -6.61
C SER C 181 -25.92 13.18 -6.61
N SER C 182 -26.68 13.90 -5.78
CA SER C 182 -26.52 15.35 -5.66
C SER C 182 -26.36 15.59 -4.17
N THR C 183 -25.32 16.31 -3.82
CA THR C 183 -25.03 16.60 -2.42
C THR C 183 -25.10 18.09 -2.14
N LEU C 184 -25.94 18.45 -1.18
CA LEU C 184 -26.13 19.83 -0.76
C LEU C 184 -25.31 19.97 0.53
N THR C 185 -24.35 20.90 0.58
CA THR C 185 -23.55 21.04 1.79
C THR C 185 -23.89 22.36 2.50
N LEU C 186 -24.33 22.28 3.75
CA LEU C 186 -24.66 23.47 4.52
C LEU C 186 -23.88 23.43 5.83
N SER C 187 -23.88 24.54 6.55
CA SER C 187 -23.21 24.58 7.84
C SER C 187 -24.20 23.93 8.82
N LYS C 188 -23.69 23.49 9.97
CA LYS C 188 -24.54 22.87 10.97
C LYS C 188 -25.60 23.85 11.45
N ALA C 189 -25.19 25.11 11.69
CA ALA C 189 -26.10 26.15 12.15
C ALA C 189 -27.23 26.36 11.13
N ASP C 190 -26.85 26.48 9.86
CA ASP C 190 -27.83 26.69 8.80
C ASP C 190 -28.83 25.53 8.71
N TYR C 191 -28.35 24.29 8.83
CA TYR C 191 -29.22 23.10 8.78
C TYR C 191 -30.17 23.07 9.98
N GLU C 192 -29.67 23.43 11.15
CA GLU C 192 -30.51 23.42 12.35
C GLU C 192 -31.55 24.53 12.30
N LYS C 193 -31.27 25.56 11.52
CA LYS C 193 -32.16 26.70 11.37
C LYS C 193 -33.39 26.42 10.53
N HIS C 194 -33.33 25.42 9.66
CA HIS C 194 -34.47 25.12 8.80
C HIS C 194 -35.11 23.77 9.08
N LYS C 195 -36.27 23.51 8.50
CA LYS C 195 -36.98 22.27 8.75
C LYS C 195 -37.18 21.32 7.59
N VAL C 196 -37.74 21.84 6.51
CA VAL C 196 -38.01 21.02 5.36
C VAL C 196 -36.85 21.04 4.40
N TYR C 197 -36.43 19.84 3.98
CA TYR C 197 -35.34 19.71 3.03
C TYR C 197 -35.89 18.85 1.94
N ALA C 198 -35.90 19.38 0.73
CA ALA C 198 -36.45 18.62 -0.37
C ALA C 198 -35.61 18.57 -1.62
N CYS C 199 -35.68 17.42 -2.26
CA CYS C 199 -34.98 17.17 -3.49
C CYS C 199 -36.03 17.10 -4.60
N GLU C 200 -36.00 18.05 -5.56
CA GLU C 200 -36.96 18.02 -6.66
C GLU C 200 -36.31 17.63 -7.99
N VAL C 201 -36.80 16.55 -8.59
CA VAL C 201 -36.24 16.01 -9.82
C VAL C 201 -37.08 16.19 -11.07
N THR C 202 -36.43 16.68 -12.12
CA THR C 202 -37.04 16.90 -13.43
C THR C 202 -36.31 16.00 -14.43
N HIS C 203 -37.05 15.15 -15.14
CA HIS C 203 -36.45 14.22 -16.10
C HIS C 203 -37.45 13.80 -17.19
N GLN C 204 -36.99 13.71 -18.44
CA GLN C 204 -37.89 13.33 -19.52
C GLN C 204 -38.39 11.88 -19.39
N GLY C 205 -38.62 11.45 -18.15
CA GLY C 205 -39.11 10.11 -17.89
C GLY C 205 -40.19 10.22 -16.83
N LEU C 206 -40.57 11.48 -16.59
CA LEU C 206 -41.58 11.85 -15.61
C LEU C 206 -42.37 13.01 -16.22
N SER C 207 -43.69 12.98 -16.08
CA SER C 207 -44.53 14.04 -16.62
C SER C 207 -44.38 15.27 -15.75
N SER C 208 -44.37 15.03 -14.45
CA SER C 208 -44.23 16.10 -13.47
C SER C 208 -43.02 15.81 -12.59
N PRO C 209 -42.39 16.86 -12.06
CA PRO C 209 -41.22 16.75 -11.19
C PRO C 209 -41.49 15.94 -9.93
N VAL C 210 -40.64 14.95 -9.67
CA VAL C 210 -40.79 14.13 -8.48
C VAL C 210 -40.06 14.80 -7.34
N THR C 211 -40.75 14.98 -6.22
CA THR C 211 -40.10 15.59 -5.07
C THR C 211 -39.98 14.57 -3.98
N LYS C 212 -38.90 14.67 -3.21
CA LYS C 212 -38.70 13.75 -2.09
C LYS C 212 -38.08 14.58 -0.98
N SER C 213 -38.63 14.49 0.21
CA SER C 213 -38.09 15.29 1.30
C SER C 213 -38.30 14.67 2.64
N PHE C 214 -37.81 15.39 3.65
CA PHE C 214 -37.93 15.00 5.04
C PHE C 214 -37.96 16.29 5.86
N ASN C 215 -38.35 16.20 7.12
CA ASN C 215 -38.39 17.34 8.01
C ASN C 215 -37.31 16.99 9.01
N ARG C 216 -36.44 17.94 9.33
CA ARG C 216 -35.36 17.67 10.25
C ARG C 216 -35.81 17.07 11.60
N GLY C 217 -37.10 16.77 11.70
CA GLY C 217 -37.62 16.18 12.93
C GLY C 217 -37.67 14.67 12.96
N GLN D 1 3.71 -15.67 -20.92
CA GLN D 1 2.80 -14.55 -21.29
C GLN D 1 3.53 -13.22 -21.08
N VAL D 2 3.26 -12.25 -21.95
CA VAL D 2 3.90 -10.92 -21.87
C VAL D 2 3.29 -10.13 -20.71
N GLN D 3 4.11 -9.68 -19.77
CA GLN D 3 3.61 -8.89 -18.66
C GLN D 3 4.47 -7.68 -18.31
N LEU D 4 3.81 -6.58 -17.95
CA LEU D 4 4.45 -5.34 -17.55
C LEU D 4 3.81 -4.93 -16.22
N VAL D 5 4.60 -4.65 -15.19
CA VAL D 5 4.04 -4.24 -13.90
C VAL D 5 4.73 -2.97 -13.41
N GLU D 6 3.95 -1.92 -13.26
CA GLU D 6 4.50 -0.65 -12.82
C GLU D 6 4.37 -0.46 -11.33
N SER D 7 5.22 0.43 -10.82
CA SER D 7 5.22 0.75 -9.41
C SER D 7 5.96 2.06 -9.33
N GLY D 8 5.99 2.68 -8.14
CA GLY D 8 6.69 3.94 -8.01
C GLY D 8 5.83 5.19 -7.91
N GLY D 9 4.53 5.08 -8.21
CA GLY D 9 3.68 6.25 -8.14
C GLY D 9 3.28 6.68 -6.74
N GLY D 10 2.88 7.93 -6.58
CA GLY D 10 2.47 8.41 -5.29
C GLY D 10 2.32 9.91 -5.24
N LEU D 11 2.22 10.42 -4.02
CA LEU D 11 2.09 11.85 -3.79
C LEU D 11 3.51 12.41 -3.64
N VAL D 12 3.76 13.54 -4.29
CA VAL D 12 5.06 14.18 -4.25
C VAL D 12 4.89 15.71 -4.28
N GLN D 13 5.60 16.40 -3.39
CA GLN D 13 5.52 17.86 -3.31
C GLN D 13 5.90 18.43 -4.67
N PRO D 14 5.39 19.62 -5.02
CA PRO D 14 5.75 20.21 -6.31
C PRO D 14 7.22 20.52 -6.40
N GLY D 15 7.77 20.46 -7.61
CA GLY D 15 9.19 20.72 -7.76
C GLY D 15 10.03 19.54 -7.30
N GLY D 16 9.36 18.47 -6.86
CA GLY D 16 10.09 17.29 -6.39
C GLY D 16 10.43 16.28 -7.48
N SER D 17 10.90 15.10 -7.06
CA SER D 17 11.28 14.05 -8.00
C SER D 17 10.70 12.69 -7.67
N LEU D 18 10.53 11.88 -8.70
CA LEU D 18 9.98 10.55 -8.52
C LEU D 18 10.47 9.63 -9.65
N ARG D 19 10.74 8.37 -9.33
CA ARG D 19 11.14 7.45 -10.38
C ARG D 19 10.10 6.35 -10.53
N LEU D 20 9.55 6.19 -11.73
CA LEU D 20 8.58 5.14 -11.97
C LEU D 20 9.30 3.96 -12.59
N SER D 21 8.90 2.75 -12.23
CA SER D 21 9.52 1.57 -12.81
C SER D 21 8.46 0.64 -13.42
N CYS D 22 8.89 -0.11 -14.43
CA CYS D 22 8.01 -1.03 -15.13
C CYS D 22 8.80 -2.31 -15.39
N ALA D 23 8.58 -3.30 -14.54
CA ALA D 23 9.25 -4.59 -14.63
C ALA D 23 8.52 -5.46 -15.64
N THR D 24 9.24 -5.98 -16.63
CA THR D 24 8.60 -6.78 -17.66
C THR D 24 9.08 -8.22 -17.66
N SER D 25 8.38 -9.08 -18.39
CA SER D 25 8.76 -10.48 -18.46
C SER D 25 7.94 -11.05 -19.60
N GLY D 26 8.35 -12.21 -20.10
CA GLY D 26 7.60 -12.84 -21.16
C GLY D 26 8.01 -12.51 -22.58
N PHE D 27 9.12 -11.82 -22.77
CA PHE D 27 9.57 -11.48 -24.13
C PHE D 27 11.01 -10.93 -24.07
N THR D 28 11.69 -10.96 -25.21
CA THR D 28 13.07 -10.48 -25.32
C THR D 28 13.06 -8.94 -25.20
N PHE D 29 13.29 -8.46 -24.00
CA PHE D 29 13.29 -7.05 -23.67
C PHE D 29 14.10 -6.13 -24.60
N THR D 30 15.38 -6.43 -24.77
CA THR D 30 16.30 -5.65 -25.61
C THR D 30 15.92 -5.49 -27.08
N ASP D 31 15.00 -6.33 -27.56
CA ASP D 31 14.48 -6.31 -28.94
C ASP D 31 13.44 -5.23 -29.24
N TYR D 32 12.84 -4.68 -28.21
CA TYR D 32 11.75 -3.74 -28.39
C TYR D 32 11.94 -2.30 -27.90
N TYR D 33 11.26 -1.37 -28.57
CA TYR D 33 11.24 0.03 -28.12
C TYR D 33 10.20 -0.05 -26.99
N MET D 34 10.32 0.79 -25.96
CA MET D 34 9.38 0.81 -24.83
C MET D 34 8.89 2.25 -24.66
N SER D 35 7.59 2.46 -24.43
CA SER D 35 7.03 3.80 -24.28
C SER D 35 6.35 4.12 -22.95
N TRP D 36 6.19 5.41 -22.68
CA TRP D 36 5.47 5.88 -21.50
C TRP D 36 4.38 6.78 -22.03
N VAL D 37 3.17 6.56 -21.54
CA VAL D 37 1.98 7.30 -21.91
C VAL D 37 1.29 7.78 -20.59
N ARG D 38 0.66 8.94 -20.56
CA ARG D 38 -0.01 9.33 -19.32
C ARG D 38 -1.43 9.75 -19.60
N GLN D 39 -2.22 9.77 -18.53
CA GLN D 39 -3.61 10.16 -18.63
C GLN D 39 -4.06 10.90 -17.39
N PRO D 40 -4.31 12.20 -17.51
CA PRO D 40 -4.75 12.96 -16.33
C PRO D 40 -6.20 12.53 -16.11
N PRO D 41 -6.67 12.56 -14.85
CA PRO D 41 -8.06 12.17 -14.57
C PRO D 41 -9.03 12.91 -15.51
N GLY D 42 -9.94 12.17 -16.12
CA GLY D 42 -10.90 12.77 -17.03
C GLY D 42 -10.42 13.32 -18.38
N LYS D 43 -9.17 13.09 -18.74
CA LYS D 43 -8.66 13.60 -20.02
C LYS D 43 -8.12 12.54 -20.97
N ALA D 44 -7.65 12.99 -22.15
CA ALA D 44 -7.14 12.06 -23.15
C ALA D 44 -5.72 11.57 -22.89
N LEU D 45 -5.42 10.39 -23.42
CA LEU D 45 -4.10 9.76 -23.28
C LEU D 45 -3.04 10.66 -23.93
N GLU D 46 -1.86 10.74 -23.32
CA GLU D 46 -0.79 11.57 -23.86
C GLU D 46 0.55 10.85 -23.94
N TRP D 47 1.10 10.75 -25.16
CA TRP D 47 2.39 10.09 -25.38
C TRP D 47 3.46 10.94 -24.73
N LEU D 48 4.37 10.32 -24.00
CA LEU D 48 5.42 11.06 -23.32
C LEU D 48 6.80 10.83 -23.98
N GLY D 49 7.00 9.63 -24.52
CA GLY D 49 8.24 9.30 -25.18
C GLY D 49 8.53 7.81 -25.21
N PHE D 50 9.64 7.46 -25.87
CA PHE D 50 10.07 6.08 -25.94
C PHE D 50 11.59 5.99 -25.87
N ILE D 51 12.06 4.78 -25.60
CA ILE D 51 13.47 4.51 -25.58
C ILE D 51 13.59 3.39 -26.59
N ARG D 52 14.53 3.52 -27.52
CA ARG D 52 14.65 2.53 -28.57
C ARG D 52 15.26 1.21 -28.12
N ASN D 53 15.36 0.27 -29.06
CA ASN D 53 15.94 -1.04 -28.80
C ASN D 53 17.45 -1.07 -29.07
N LYS D 54 18.02 -2.25 -28.94
CA LYS D 54 19.45 -2.52 -29.10
C LYS D 54 20.02 -2.15 -30.46
N ALA D 55 19.30 -2.44 -31.53
CA ALA D 55 19.81 -2.12 -32.88
C ALA D 55 19.86 -0.59 -33.08
N ASN D 56 19.41 0.18 -32.09
CA ASN D 56 19.41 1.65 -32.14
C ASN D 56 20.06 2.26 -30.91
N GLY D 57 20.86 1.48 -30.19
CA GLY D 57 21.53 2.00 -29.02
C GLY D 57 20.71 2.53 -27.86
N TYR D 58 19.44 2.11 -27.78
CA TYR D 58 18.60 2.56 -26.67
C TYR D 58 18.46 4.10 -26.56
N THR D 59 18.54 4.81 -27.70
CA THR D 59 18.38 6.26 -27.65
C THR D 59 16.95 6.59 -27.25
N THR D 60 16.71 7.84 -26.84
CA THR D 60 15.41 8.27 -26.37
C THR D 60 14.78 9.40 -27.17
N GLU D 61 13.46 9.53 -27.08
CA GLU D 61 12.72 10.63 -27.72
C GLU D 61 11.64 11.07 -26.73
N TYR D 62 11.29 12.36 -26.79
CA TYR D 62 10.33 12.94 -25.89
C TYR D 62 9.28 13.80 -26.56
N SER D 63 8.18 14.00 -25.84
CA SER D 63 7.09 14.86 -26.31
C SER D 63 7.57 16.23 -25.82
N ALA D 64 7.04 17.29 -26.42
CA ALA D 64 7.43 18.66 -26.04
C ALA D 64 7.06 18.97 -24.60
N SER D 65 6.01 18.34 -24.11
CA SER D 65 5.57 18.63 -22.75
C SER D 65 6.44 18.09 -21.59
N VAL D 66 7.40 17.21 -21.86
CA VAL D 66 8.23 16.67 -20.79
C VAL D 66 9.72 16.65 -21.10
N LYS D 67 10.06 17.03 -22.31
CA LYS D 67 11.45 17.07 -22.74
C LYS D 67 12.21 17.98 -21.77
N GLY D 68 13.36 17.53 -21.33
CA GLY D 68 14.11 18.34 -20.40
C GLY D 68 13.83 18.08 -18.93
N ARG D 69 12.65 17.54 -18.59
CA ARG D 69 12.31 17.28 -17.19
C ARG D 69 12.27 15.79 -16.87
N PHE D 70 11.68 15.02 -17.79
CA PHE D 70 11.55 13.59 -17.64
C PHE D 70 12.64 12.86 -18.42
N THR D 71 13.20 11.82 -17.80
CA THR D 71 14.24 11.02 -18.44
C THR D 71 13.84 9.57 -18.47
N ILE D 72 13.81 8.96 -19.66
CA ILE D 72 13.49 7.54 -19.74
C ILE D 72 14.78 6.73 -19.80
N SER D 73 14.79 5.56 -19.16
CA SER D 73 15.95 4.72 -19.21
C SER D 73 15.54 3.27 -19.01
N ARG D 74 16.48 2.37 -19.24
CA ARG D 74 16.19 0.95 -19.08
C ARG D 74 17.37 0.16 -18.52
N ASP D 75 17.05 -0.81 -17.68
CA ASP D 75 18.05 -1.68 -17.10
C ASP D 75 17.88 -2.99 -17.85
N ASN D 76 18.61 -3.15 -18.94
CA ASN D 76 18.46 -4.34 -19.73
C ASN D 76 18.74 -5.70 -19.07
N SER D 77 19.69 -5.79 -18.16
CA SER D 77 19.97 -7.07 -17.51
C SER D 77 18.79 -7.60 -16.69
N GLN D 78 18.01 -6.68 -16.11
CA GLN D 78 16.84 -7.05 -15.31
C GLN D 78 15.53 -6.81 -16.08
N SER D 79 15.66 -6.29 -17.30
CA SER D 79 14.56 -5.97 -18.19
C SER D 79 13.51 -5.10 -17.50
N ILE D 80 13.97 -3.97 -16.96
CA ILE D 80 13.09 -3.04 -16.27
C ILE D 80 13.15 -1.73 -17.00
N LEU D 81 11.99 -1.09 -17.16
CA LEU D 81 11.94 0.20 -17.83
C LEU D 81 11.69 1.27 -16.76
N TYR D 82 12.35 2.44 -16.88
CA TYR D 82 12.22 3.54 -15.92
C TYR D 82 11.72 4.86 -16.50
N LEU D 83 11.15 5.71 -15.65
CA LEU D 83 10.73 7.04 -16.06
C LEU D 83 11.11 7.95 -14.89
N GLN D 84 12.21 8.66 -15.01
CA GLN D 84 12.63 9.56 -13.95
C GLN D 84 11.95 10.91 -14.16
N MET D 85 11.18 11.36 -13.18
CA MET D 85 10.46 12.62 -13.29
C MET D 85 11.05 13.68 -12.38
N ASN D 86 11.55 14.76 -12.96
CA ASN D 86 12.12 15.84 -12.18
C ASN D 86 11.29 17.09 -12.46
N THR D 87 11.40 18.11 -11.61
CA THR D 87 10.66 19.36 -11.84
C THR D 87 9.18 19.08 -11.99
N LEU D 88 8.62 18.27 -11.09
CA LEU D 88 7.21 17.93 -11.16
C LEU D 88 6.28 19.10 -10.86
N ARG D 89 5.28 19.25 -11.73
CA ARG D 89 4.26 20.28 -11.64
C ARG D 89 2.91 19.63 -11.36
N ALA D 90 1.90 20.45 -11.09
CA ALA D 90 0.57 19.94 -10.81
C ALA D 90 0.00 19.25 -12.04
N GLU D 91 0.20 19.84 -13.22
CA GLU D 91 -0.32 19.25 -14.44
C GLU D 91 0.31 17.90 -14.82
N ASP D 92 1.26 17.43 -14.00
CA ASP D 92 1.91 16.14 -14.23
C ASP D 92 1.13 15.05 -13.47
N SER D 93 0.09 15.47 -12.74
CA SER D 93 -0.72 14.50 -12.00
C SER D 93 -1.49 13.66 -13.01
N ALA D 94 -1.39 12.35 -12.90
CA ALA D 94 -2.06 11.51 -13.87
C ALA D 94 -1.75 10.08 -13.61
N THR D 95 -2.37 9.22 -14.41
CA THR D 95 -2.07 7.79 -14.31
C THR D 95 -1.03 7.55 -15.41
N TYR D 96 0.11 6.97 -15.05
CA TYR D 96 1.19 6.70 -15.99
C TYR D 96 1.23 5.24 -16.39
N TYR D 97 1.29 5.01 -17.69
CA TYR D 97 1.34 3.66 -18.23
C TYR D 97 2.62 3.42 -19.03
N CYS D 98 3.19 2.21 -18.95
CA CYS D 98 4.33 1.88 -19.81
C CYS D 98 3.72 0.94 -20.81
N ALA D 99 4.29 0.87 -22.00
CA ALA D 99 3.81 -0.02 -23.03
C ALA D 99 4.96 -0.55 -23.84
N ARG D 100 4.90 -1.84 -24.16
CA ARG D 100 5.93 -2.44 -25.00
C ARG D 100 5.54 -2.04 -26.42
N ASP D 101 6.50 -1.61 -27.24
CA ASP D 101 6.14 -1.22 -28.59
C ASP D 101 6.23 -2.41 -29.55
N GLY D 102 5.40 -3.43 -29.34
CA GLY D 102 5.43 -4.57 -30.24
C GLY D 102 4.27 -4.54 -31.20
N SER D 103 4.20 -5.56 -32.05
CA SER D 103 3.11 -5.63 -33.03
C SER D 103 2.97 -4.35 -33.85
N TYR D 104 4.07 -3.67 -34.12
CA TYR D 104 4.04 -2.43 -34.92
C TYR D 104 3.16 -1.40 -34.25
N ALA D 105 3.12 -1.41 -32.92
CA ALA D 105 2.29 -0.48 -32.19
C ALA D 105 2.72 -0.48 -30.74
N MET D 106 1.75 -0.38 -29.86
CA MET D 106 1.96 -0.45 -28.42
C MET D 106 0.97 -1.58 -28.08
N ASP D 107 1.48 -2.81 -28.05
CA ASP D 107 0.62 -3.96 -27.85
C ASP D 107 0.32 -4.51 -26.46
N TYR D 108 1.23 -4.32 -25.51
CA TYR D 108 1.00 -4.77 -24.15
C TYR D 108 1.31 -3.58 -23.26
N TRP D 109 0.37 -3.30 -22.37
CA TRP D 109 0.42 -2.17 -21.46
C TRP D 109 0.49 -2.51 -19.98
N GLY D 110 1.13 -1.64 -19.21
CA GLY D 110 1.19 -1.87 -17.79
C GLY D 110 -0.19 -1.61 -17.19
N GLN D 111 -0.35 -1.84 -15.89
CA GLN D 111 -1.65 -1.63 -15.25
C GLN D 111 -1.85 -0.17 -14.87
N GLY D 112 -0.80 0.62 -15.02
CA GLY D 112 -0.90 2.04 -14.69
C GLY D 112 -0.57 2.34 -13.24
N THR D 113 -0.01 3.52 -13.01
CA THR D 113 0.34 3.94 -11.65
C THR D 113 0.01 5.42 -11.48
N SER D 114 -0.73 5.72 -10.43
CA SER D 114 -1.13 7.08 -10.17
C SER D 114 -0.04 7.95 -9.49
N VAL D 115 0.17 9.13 -10.06
CA VAL D 115 1.17 10.10 -9.59
C VAL D 115 0.41 11.39 -9.31
N THR D 116 0.48 11.88 -8.06
CA THR D 116 -0.19 13.13 -7.72
C THR D 116 0.85 14.16 -7.29
N VAL D 117 0.83 15.31 -7.94
CA VAL D 117 1.77 16.36 -7.63
C VAL D 117 1.05 17.51 -6.94
N SER D 118 1.27 17.63 -5.63
CA SER D 118 0.66 18.69 -4.85
C SER D 118 1.36 18.89 -3.50
N SER D 119 1.32 20.13 -3.03
CA SER D 119 1.95 20.48 -1.76
C SER D 119 1.16 19.91 -0.58
N ALA D 120 -0.10 19.55 -0.82
CA ALA D 120 -0.98 18.98 0.21
C ALA D 120 -0.49 17.63 0.73
N SER D 121 -1.25 17.02 1.64
CA SER D 121 -0.83 15.75 2.24
C SER D 121 -1.83 14.61 2.27
N THR D 122 -1.31 13.40 2.46
CA THR D 122 -2.12 12.20 2.55
C THR D 122 -3.05 12.29 3.76
N LYS D 123 -4.36 12.27 3.48
CA LYS D 123 -5.40 12.38 4.51
C LYS D 123 -6.46 11.29 4.33
N GLY D 124 -6.71 10.55 5.39
CA GLY D 124 -7.73 9.51 5.33
C GLY D 124 -9.11 10.14 5.19
N PRO D 125 -10.12 9.36 4.77
CA PRO D 125 -11.48 9.85 4.61
C PRO D 125 -12.36 9.58 5.83
N SER D 126 -13.33 10.47 6.07
CA SER D 126 -14.28 10.28 7.16
C SER D 126 -15.39 9.47 6.48
N VAL D 127 -16.00 8.53 7.19
CA VAL D 127 -17.07 7.74 6.59
C VAL D 127 -18.40 7.80 7.36
N PHE D 128 -19.42 8.36 6.71
CA PHE D 128 -20.75 8.51 7.33
C PHE D 128 -21.79 7.67 6.65
N PRO D 129 -22.76 7.16 7.42
CA PRO D 129 -23.78 6.33 6.81
C PRO D 129 -24.86 7.20 6.17
N LEU D 130 -25.50 6.68 5.14
CA LEU D 130 -26.59 7.37 4.50
C LEU D 130 -27.75 6.41 4.78
N ALA D 131 -28.63 6.79 5.70
CA ALA D 131 -29.78 5.92 6.01
C ALA D 131 -31.10 6.64 5.77
N PRO D 132 -32.15 5.88 5.40
CA PRO D 132 -33.46 6.50 5.17
C PRO D 132 -33.94 7.17 6.47
N SER D 133 -34.45 8.40 6.37
CA SER D 133 -34.92 9.13 7.55
C SER D 133 -36.20 8.54 8.11
N SER D 134 -36.63 9.03 9.27
CA SER D 134 -37.86 8.57 9.92
C SER D 134 -39.01 8.41 8.92
N LYS D 135 -38.96 9.19 7.83
CA LYS D 135 -39.97 9.13 6.77
C LYS D 135 -39.51 8.21 5.64
N SER D 136 -40.07 7.00 5.61
CA SER D 136 -39.74 6.01 4.58
C SER D 136 -40.99 5.69 3.77
N THR D 137 -41.18 6.43 2.67
CA THR D 137 -42.33 6.28 1.77
C THR D 137 -42.83 4.83 1.68
N SER D 138 -44.15 4.67 1.56
CA SER D 138 -44.76 3.34 1.46
C SER D 138 -44.53 2.73 0.08
N GLY D 139 -43.27 2.50 -0.25
CA GLY D 139 -42.91 1.90 -1.52
C GLY D 139 -42.45 0.46 -1.32
N GLY D 140 -41.45 0.04 -2.08
CA GLY D 140 -40.95 -1.32 -1.95
C GLY D 140 -39.48 -1.43 -1.61
N THR D 141 -38.63 -0.79 -2.40
CA THR D 141 -37.19 -0.84 -2.19
C THR D 141 -36.64 0.40 -1.47
N ALA D 142 -35.74 0.16 -0.52
CA ALA D 142 -35.12 1.21 0.27
C ALA D 142 -33.63 1.36 -0.07
N ALA D 143 -33.18 2.59 -0.25
CA ALA D 143 -31.78 2.85 -0.60
C ALA D 143 -30.99 3.17 0.65
N LEU D 144 -29.71 2.83 0.60
CA LEU D 144 -28.85 3.13 1.72
C LEU D 144 -27.43 3.26 1.23
N GLY D 145 -26.57 3.84 2.04
CA GLY D 145 -25.23 4.00 1.57
C GLY D 145 -24.26 4.62 2.53
N CYS D 146 -23.12 5.01 1.98
CA CYS D 146 -22.04 5.61 2.73
C CYS D 146 -21.48 6.83 2.03
N LEU D 147 -21.16 7.83 2.84
CA LEU D 147 -20.59 9.08 2.33
C LEU D 147 -19.12 9.03 2.73
N VAL D 148 -18.25 9.02 1.73
CA VAL D 148 -16.82 8.96 1.98
C VAL D 148 -16.33 10.39 1.70
N LYS D 149 -16.15 11.14 2.76
CA LYS D 149 -15.78 12.55 2.67
C LYS D 149 -14.36 12.98 3.05
N ASP D 150 -13.99 14.13 2.50
CA ASP D 150 -12.70 14.78 2.70
C ASP D 150 -11.47 13.86 2.79
N TYR D 151 -11.05 13.30 1.65
CA TYR D 151 -9.86 12.46 1.63
C TYR D 151 -8.98 13.01 0.53
N PHE D 152 -7.72 12.58 0.51
CA PHE D 152 -6.75 13.00 -0.51
C PHE D 152 -5.50 12.13 -0.42
N PRO D 153 -4.93 11.74 -1.58
CA PRO D 153 -5.44 12.09 -2.92
C PRO D 153 -6.28 10.89 -3.34
N GLU D 154 -6.70 10.84 -4.59
CA GLU D 154 -7.46 9.70 -5.04
C GLU D 154 -6.54 8.50 -5.09
N PRO D 155 -7.11 7.30 -5.15
CA PRO D 155 -8.54 7.09 -5.16
C PRO D 155 -8.96 6.33 -3.91
N VAL D 156 -10.26 6.08 -3.81
CA VAL D 156 -10.85 5.32 -2.73
C VAL D 156 -11.58 4.18 -3.42
N THR D 157 -11.74 3.08 -2.70
CA THR D 157 -12.45 1.90 -3.19
C THR D 157 -13.52 1.63 -2.14
N VAL D 158 -14.67 1.09 -2.55
CA VAL D 158 -15.77 0.80 -1.63
C VAL D 158 -16.47 -0.50 -2.02
N SER D 159 -16.74 -1.37 -1.05
CA SER D 159 -17.45 -2.61 -1.35
C SER D 159 -18.50 -2.85 -0.28
N TRP D 160 -19.48 -3.70 -0.57
CA TRP D 160 -20.53 -3.96 0.41
C TRP D 160 -20.65 -5.42 0.84
N ASN D 161 -20.66 -5.63 2.15
CA ASN D 161 -20.76 -6.96 2.74
C ASN D 161 -19.62 -7.84 2.24
N SER D 162 -18.42 -7.26 2.29
CA SER D 162 -17.22 -7.93 1.87
C SER D 162 -17.41 -8.53 0.47
N GLY D 163 -17.89 -7.70 -0.46
CA GLY D 163 -18.10 -8.17 -1.81
C GLY D 163 -19.36 -8.99 -2.00
N ALA D 164 -19.93 -9.50 -0.91
CA ALA D 164 -21.14 -10.31 -0.99
C ALA D 164 -22.25 -9.58 -1.75
N LEU D 165 -22.41 -8.30 -1.43
CA LEU D 165 -23.43 -7.45 -2.03
C LEU D 165 -22.85 -6.67 -3.21
N THR D 166 -23.40 -6.94 -4.39
CA THR D 166 -22.91 -6.31 -5.60
C THR D 166 -24.02 -5.76 -6.51
N SER D 167 -25.11 -6.50 -6.64
CA SER D 167 -26.19 -6.03 -7.50
C SER D 167 -26.85 -4.79 -6.92
N GLY D 168 -27.13 -3.83 -7.80
CA GLY D 168 -27.75 -2.59 -7.35
C GLY D 168 -26.82 -1.66 -6.60
N VAL D 169 -25.51 -1.87 -6.74
CA VAL D 169 -24.52 -1.04 -6.08
C VAL D 169 -24.02 0.04 -7.05
N HIS D 170 -23.90 1.27 -6.55
CA HIS D 170 -23.41 2.36 -7.38
C HIS D 170 -22.50 3.17 -6.50
N THR D 171 -21.25 3.31 -6.93
CA THR D 171 -20.24 4.07 -6.23
C THR D 171 -19.87 5.16 -7.21
N PHE D 172 -20.24 6.38 -6.85
CA PHE D 172 -20.05 7.52 -7.72
C PHE D 172 -18.63 8.04 -7.87
N PRO D 173 -18.37 8.74 -8.99
CA PRO D 173 -17.02 9.28 -9.19
C PRO D 173 -16.86 10.34 -8.11
N ALA D 174 -15.62 10.55 -7.67
CA ALA D 174 -15.36 11.55 -6.65
C ALA D 174 -15.33 12.93 -7.25
N VAL D 175 -15.67 13.92 -6.44
CA VAL D 175 -15.66 15.29 -6.89
C VAL D 175 -14.78 16.07 -5.93
N LEU D 176 -14.09 17.07 -6.46
CA LEU D 176 -13.21 17.90 -5.67
C LEU D 176 -14.08 19.00 -5.05
N GLN D 177 -14.06 19.13 -3.74
CA GLN D 177 -14.89 20.13 -3.09
C GLN D 177 -14.34 21.54 -3.11
N SER D 178 -15.19 22.50 -2.72
CA SER D 178 -14.82 23.92 -2.67
C SER D 178 -13.36 24.08 -2.25
N SER D 179 -12.95 23.32 -1.23
CA SER D 179 -11.59 23.36 -0.75
C SER D 179 -10.73 22.58 -1.74
N GLY D 180 -10.09 21.51 -1.27
CA GLY D 180 -9.23 20.72 -2.14
C GLY D 180 -9.39 19.22 -1.97
N LEU D 181 -10.10 18.81 -0.94
CA LEU D 181 -10.31 17.40 -0.70
C LEU D 181 -11.38 16.83 -1.63
N TYR D 182 -11.40 15.50 -1.72
CA TYR D 182 -12.34 14.78 -2.54
C TYR D 182 -13.40 14.13 -1.64
N SER D 183 -14.54 13.80 -2.23
CA SER D 183 -15.57 13.08 -1.51
C SER D 183 -16.45 12.39 -2.53
N LEU D 184 -17.01 11.25 -2.13
CA LEU D 184 -17.89 10.49 -2.97
C LEU D 184 -18.88 9.75 -2.10
N SER D 185 -19.91 9.22 -2.73
CA SER D 185 -20.89 8.43 -2.02
C SER D 185 -21.04 7.09 -2.70
N SER D 186 -21.35 6.05 -1.93
CA SER D 186 -21.60 4.72 -2.48
C SER D 186 -22.98 4.33 -1.94
N VAL D 187 -23.87 3.85 -2.79
CA VAL D 187 -25.19 3.49 -2.33
C VAL D 187 -25.62 2.15 -2.90
N VAL D 188 -26.67 1.56 -2.33
CA VAL D 188 -27.18 0.28 -2.80
C VAL D 188 -28.69 0.18 -2.52
N THR D 189 -29.40 -0.56 -3.36
CA THR D 189 -30.83 -0.73 -3.21
C THR D 189 -31.11 -2.04 -2.45
N VAL D 190 -32.22 -2.07 -1.72
CA VAL D 190 -32.63 -3.26 -0.96
C VAL D 190 -34.14 -3.19 -0.71
N PRO D 191 -34.73 -4.25 -0.14
CA PRO D 191 -36.16 -4.26 0.14
C PRO D 191 -36.50 -3.43 1.39
N SER D 192 -37.56 -2.62 1.29
CA SER D 192 -37.96 -1.79 2.43
C SER D 192 -38.14 -2.64 3.68
N SER D 193 -38.74 -3.82 3.52
CA SER D 193 -38.98 -4.72 4.65
C SER D 193 -37.74 -5.46 5.16
N SER D 194 -36.54 -5.03 4.77
CA SER D 194 -35.33 -5.72 5.20
C SER D 194 -34.33 -4.88 5.99
N LEU D 195 -34.46 -3.56 5.89
CA LEU D 195 -33.54 -2.64 6.55
C LEU D 195 -33.12 -3.04 7.96
N GLY D 196 -34.08 -3.35 8.82
CA GLY D 196 -33.76 -3.70 10.20
C GLY D 196 -33.24 -5.09 10.51
N THR D 197 -33.94 -6.12 10.01
CA THR D 197 -33.56 -7.51 10.25
C THR D 197 -32.12 -7.86 9.87
N GLN D 198 -31.66 -7.26 8.77
CA GLN D 198 -30.32 -7.53 8.24
C GLN D 198 -29.33 -6.41 8.48
N THR D 199 -28.04 -6.76 8.44
CA THR D 199 -26.97 -5.79 8.64
C THR D 199 -26.30 -5.50 7.32
N TYR D 200 -26.03 -4.23 7.06
CA TYR D 200 -25.35 -3.82 5.82
C TYR D 200 -24.11 -3.06 6.25
N ILE D 201 -22.96 -3.50 5.72
CA ILE D 201 -21.70 -2.87 6.04
C ILE D 201 -21.07 -2.40 4.75
N CYS D 202 -20.47 -1.21 4.75
CA CYS D 202 -19.80 -0.76 3.54
C CYS D 202 -18.33 -0.75 3.91
N ASN D 203 -17.53 -1.42 3.08
CA ASN D 203 -16.10 -1.56 3.30
C ASN D 203 -15.32 -0.52 2.49
N VAL D 204 -14.79 0.48 3.18
CA VAL D 204 -14.04 1.53 2.52
C VAL D 204 -12.55 1.32 2.62
N ASN D 205 -11.89 1.22 1.46
CA ASN D 205 -10.44 1.01 1.43
C ASN D 205 -9.76 2.16 0.69
N HIS D 206 -8.84 2.83 1.37
CA HIS D 206 -8.09 3.96 0.82
C HIS D 206 -6.60 3.73 1.03
N LYS D 207 -6.00 2.99 0.10
CA LYS D 207 -4.57 2.69 0.17
C LYS D 207 -3.62 3.87 0.43
N PRO D 208 -3.77 4.98 -0.31
CA PRO D 208 -2.90 6.13 -0.11
C PRO D 208 -2.69 6.59 1.34
N SER D 209 -3.53 6.12 2.26
CA SER D 209 -3.42 6.49 3.68
C SER D 209 -3.66 5.26 4.56
N ASN D 210 -3.40 4.09 4.00
CA ASN D 210 -3.55 2.83 4.70
C ASN D 210 -4.83 2.67 5.51
N THR D 211 -5.89 3.39 5.12
CA THR D 211 -7.15 3.29 5.84
C THR D 211 -8.02 2.19 5.28
N LYS D 212 -8.68 1.48 6.18
CA LYS D 212 -9.59 0.41 5.80
C LYS D 212 -10.70 0.45 6.84
N VAL D 213 -11.81 1.08 6.48
CA VAL D 213 -12.91 1.24 7.40
C VAL D 213 -14.15 0.45 7.01
N ASP D 214 -14.80 -0.17 7.99
CA ASP D 214 -16.02 -0.93 7.74
C ASP D 214 -17.13 -0.24 8.52
N LYS D 215 -18.06 0.40 7.79
CA LYS D 215 -19.14 1.14 8.42
C LYS D 215 -20.48 0.44 8.39
N LYS D 216 -21.10 0.33 9.56
CA LYS D 216 -22.41 -0.29 9.66
C LYS D 216 -23.39 0.87 9.51
N VAL D 217 -24.44 0.65 8.71
CA VAL D 217 -25.42 1.70 8.48
C VAL D 217 -26.72 1.39 9.24
N GLU D 218 -26.86 2.00 10.42
CA GLU D 218 -28.05 1.83 11.24
C GLU D 218 -29.07 2.85 10.73
N PRO D 219 -30.37 2.48 10.68
CA PRO D 219 -31.38 3.44 10.21
C PRO D 219 -31.62 4.59 11.19
#